data_7E9T
#
_entry.id   7E9T
#
_cell.length_a   1.00
_cell.length_b   1.00
_cell.length_c   1.00
_cell.angle_alpha   90.00
_cell.angle_beta   90.00
_cell.angle_gamma   90.00
#
_symmetry.space_group_name_H-M   'P 1'
#
loop_
_entity.id
_entity.type
_entity.pdbx_description
1 polymer 'Spike protein S2'
2 branched 2-acetamido-2-deoxy-beta-D-glucopyranose-(1-4)-2-acetamido-2-deoxy-beta-D-glucopyranose
3 branched alpha-D-mannopyranose-(1-4)-2-acetamido-2-deoxy-beta-D-glucopyranose-(1-4)-2-acetamido-2-deoxy-beta-D-glucopyranose
4 non-polymer 2-acetamido-2-deoxy-beta-D-glucopyranose
#
_entity_poly.entity_id   1
_entity_poly.type   'polypeptide(L)'
_entity_poly.pdbx_seq_one_letter_code
;NSVAYSNNSIAIPTNFTISVTTEILPVSMTKTSVDCTMYICGDSTECSNLLLQYGSFCTQLNRALTGIAVEQDKNTQEVF
AQVKQIYKTPPIKDFGGFNFSQILPDPSKPSKRSFIEDLLFNKVTLADAGFIKQYGDCLGDIAARDLICAQKFNGLTVLP
PLLTDEMIAQYTSALLAGTITSGWTFGAGAALQIPFAMQMAYRFNGIGVTQNVLYENQKLIANQFNSAIGKIQDSLSSTA
SALGKLQDVVNQNAQALNTLVKQLSSNFGAISSVLNDILSRLDKVEAEVQIDRLITGRLQSLQTYVTQQLIRAAEIRASA
NLAATKMSECVLGQSKRVDFCGKGYHLMSFPQSAPHGVVFLHVTYVPAQEKNFTTAPAICHDGKAHFPREGVFVSNGTHW
FVTQRNFYEPQIITTDNTFVSGNCDVVIGIVNNTVYDPLQPELDSFKEELDKYFKNHTSPDVDLGDISGINASVVNIQKE
IDRLNEVAKNLNESLIDLQELGKYEQYIKWPWYIWLGFIAGLIAIVMVTIML
;
_entity_poly.pdbx_strand_id   A,B,C
#
# COMPACT_ATOMS: atom_id res chain seq x y z
N ASN A 1 -34.32 -51.61 -3.03
CA ASN A 1 -33.70 -52.71 -2.30
C ASN A 1 -32.96 -52.23 -1.06
N SER A 2 -33.35 -52.77 0.09
CA SER A 2 -32.69 -52.46 1.36
C SER A 2 -32.51 -53.72 2.18
N VAL A 3 -32.26 -53.58 3.48
CA VAL A 3 -31.95 -54.72 4.32
C VAL A 3 -32.71 -54.64 5.64
N ALA A 4 -33.86 -55.31 5.70
CA ALA A 4 -34.66 -55.30 6.93
C ALA A 4 -34.80 -56.68 7.54
N TYR A 5 -35.33 -57.64 6.77
CA TYR A 5 -35.68 -58.95 7.31
C TYR A 5 -34.53 -59.94 7.23
N SER A 6 -33.43 -59.56 6.57
CA SER A 6 -32.34 -60.49 6.36
C SER A 6 -31.61 -60.73 7.68
N ASN A 7 -31.38 -62.00 7.99
CA ASN A 7 -30.69 -62.38 9.21
C ASN A 7 -29.22 -62.63 8.89
N ASN A 8 -28.35 -61.83 9.50
CA ASN A 8 -26.93 -61.94 9.28
C ASN A 8 -26.26 -62.26 10.61
N SER A 9 -25.04 -62.77 10.55
CA SER A 9 -24.33 -63.14 11.76
C SER A 9 -23.81 -61.88 12.47
N ILE A 10 -24.50 -61.49 13.54
CA ILE A 10 -24.09 -60.36 14.37
C ILE A 10 -23.75 -60.90 15.76
N ALA A 11 -22.70 -60.35 16.35
CA ALA A 11 -22.23 -60.81 17.66
C ALA A 11 -23.21 -60.41 18.75
N ILE A 12 -23.57 -61.37 19.58
CA ILE A 12 -24.35 -61.14 20.79
C ILE A 12 -23.49 -61.63 21.94
N PRO A 13 -23.26 -60.80 22.96
CA PRO A 13 -22.34 -61.18 24.05
C PRO A 13 -22.80 -62.38 24.86
N THR A 14 -21.96 -63.41 24.91
CA THR A 14 -22.22 -64.52 25.83
C THR A 14 -21.72 -64.19 27.23
N ASN A 15 -20.78 -63.24 27.34
CA ASN A 15 -20.19 -62.91 28.63
C ASN A 15 -19.55 -61.53 28.59
N PHE A 16 -19.08 -61.10 29.76
CA PHE A 16 -18.45 -59.80 29.94
C PHE A 16 -17.26 -59.88 30.89
N THR A 17 -16.33 -58.96 30.70
CA THR A 17 -15.34 -58.62 31.72
C THR A 17 -15.59 -57.21 32.22
N ILE A 18 -15.54 -57.06 33.54
CA ILE A 18 -15.54 -55.74 34.16
C ILE A 18 -14.35 -54.94 33.63
N SER A 19 -14.52 -53.62 33.55
CA SER A 19 -13.57 -52.76 32.87
C SER A 19 -13.67 -51.37 33.47
N VAL A 20 -12.65 -50.56 33.19
CA VAL A 20 -12.69 -49.14 33.51
C VAL A 20 -12.13 -48.37 32.32
N THR A 21 -12.66 -47.17 32.10
CA THR A 21 -12.23 -46.29 31.03
C THR A 21 -11.91 -44.92 31.60
N THR A 22 -10.73 -44.41 31.28
CA THR A 22 -10.29 -43.09 31.70
C THR A 22 -10.43 -42.16 30.50
N GLU A 23 -11.43 -41.29 30.52
CA GLU A 23 -11.81 -40.48 29.36
C GLU A 23 -11.49 -39.02 29.63
N ILE A 24 -10.61 -38.45 28.82
CA ILE A 24 -10.14 -37.07 28.97
C ILE A 24 -10.83 -36.20 27.93
N LEU A 25 -11.37 -35.06 28.36
CA LEU A 25 -12.05 -34.11 27.49
C LEU A 25 -11.59 -32.70 27.82
N PRO A 26 -11.00 -31.95 26.88
CA PRO A 26 -10.65 -30.56 27.18
C PRO A 26 -11.90 -29.69 27.24
N VAL A 27 -12.00 -28.91 28.32
CA VAL A 27 -13.20 -28.11 28.55
C VAL A 27 -12.94 -26.61 28.43
N SER A 28 -11.68 -26.16 28.52
CA SER A 28 -11.37 -24.74 28.43
C SER A 28 -10.16 -24.55 27.54
N MET A 29 -10.02 -23.33 27.02
CA MET A 29 -8.91 -22.97 26.14
C MET A 29 -8.23 -21.71 26.67
N THR A 30 -6.91 -21.75 26.73
CA THR A 30 -6.16 -20.56 27.11
C THR A 30 -6.37 -19.46 26.07
N LYS A 31 -6.51 -18.22 26.55
CA LYS A 31 -6.73 -17.07 25.67
C LYS A 31 -5.39 -16.64 25.10
N THR A 32 -5.07 -17.17 23.93
CA THR A 32 -3.77 -16.92 23.30
C THR A 32 -3.76 -15.59 22.55
N SER A 33 -3.97 -14.48 23.26
CA SER A 33 -3.90 -13.17 22.64
C SER A 33 -2.52 -12.95 22.00
N VAL A 34 -2.49 -12.24 20.89
CA VAL A 34 -1.32 -12.18 20.03
C VAL A 34 -0.84 -10.74 19.89
N ASP A 35 0.47 -10.55 20.05
CA ASP A 35 1.09 -9.28 19.71
C ASP A 35 1.37 -9.26 18.22
N CYS A 36 0.73 -8.32 17.51
CA CYS A 36 0.89 -8.23 16.07
C CYS A 36 2.19 -7.58 15.65
N THR A 37 2.76 -6.73 16.51
CA THR A 37 4.02 -6.07 16.17
C THR A 37 5.14 -7.10 16.02
N MET A 38 5.31 -7.95 17.03
CA MET A 38 6.30 -9.02 16.95
C MET A 38 5.93 -10.05 15.88
N TYR A 39 4.64 -10.34 15.73
CA TYR A 39 4.21 -11.37 14.78
C TYR A 39 4.53 -10.95 13.35
N ILE A 40 3.95 -9.82 12.92
CA ILE A 40 4.11 -9.37 11.54
C ILE A 40 5.51 -8.82 11.30
N CYS A 41 5.86 -7.76 12.02
CA CYS A 41 7.13 -7.05 11.80
C CYS A 41 8.25 -7.51 12.72
N GLY A 42 7.98 -7.68 14.00
CA GLY A 42 9.02 -8.09 14.91
C GLY A 42 10.04 -7.01 15.22
N ASP A 43 11.31 -7.30 14.98
CA ASP A 43 12.39 -6.42 15.42
C ASP A 43 12.77 -5.35 14.40
N SER A 44 12.33 -5.47 13.15
CA SER A 44 12.74 -4.53 12.11
C SER A 44 12.06 -3.18 12.38
N THR A 45 12.85 -2.10 12.36
CA THR A 45 12.33 -0.82 12.82
C THR A 45 11.32 -0.22 11.84
N GLU A 46 11.60 -0.23 10.54
CA GLU A 46 10.76 0.48 9.59
C GLU A 46 9.35 -0.12 9.54
N CYS A 47 9.24 -1.45 9.49
CA CYS A 47 7.92 -2.06 9.49
C CYS A 47 7.22 -1.88 10.83
N SER A 48 7.95 -1.80 11.93
CA SER A 48 7.34 -1.51 13.22
C SER A 48 6.72 -0.13 13.21
N ASN A 49 7.48 0.87 12.77
CA ASN A 49 6.95 2.22 12.66
C ASN A 49 5.77 2.28 11.71
N LEU A 50 5.78 1.44 10.67
CA LEU A 50 4.66 1.41 9.73
C LEU A 50 3.44 0.76 10.35
N LEU A 51 3.64 -0.24 11.22
CA LEU A 51 2.52 -0.89 11.91
C LEU A 51 1.72 0.11 12.72
N LEU A 52 2.38 1.13 13.26
CA LEU A 52 1.66 2.16 13.99
C LEU A 52 0.60 2.81 13.12
N GLN A 53 0.87 2.97 11.83
CA GLN A 53 -0.11 3.50 10.90
C GLN A 53 -1.20 2.50 10.54
N TYR A 54 -1.03 1.22 10.87
CA TYR A 54 -2.04 0.21 10.57
C TYR A 54 -3.19 0.18 11.58
N GLY A 55 -3.26 1.14 12.49
CA GLY A 55 -4.36 1.21 13.43
C GLY A 55 -4.22 0.24 14.59
N SER A 56 -5.28 0.17 15.39
CA SER A 56 -5.32 -0.66 16.59
C SER A 56 -5.90 -2.04 16.32
N PHE A 57 -5.91 -2.47 15.05
CA PHE A 57 -6.39 -3.81 14.69
C PHE A 57 -5.79 -4.87 15.61
N CYS A 58 -4.56 -4.63 16.05
CA CYS A 58 -3.87 -5.54 16.95
C CYS A 58 -4.75 -5.91 18.13
N THR A 59 -5.13 -4.91 18.93
CA THR A 59 -6.05 -5.15 20.03
C THR A 59 -7.35 -5.76 19.52
N GLN A 60 -7.86 -5.24 18.41
CA GLN A 60 -9.05 -5.82 17.79
C GLN A 60 -8.89 -7.30 17.56
N LEU A 61 -7.75 -7.72 16.99
CA LEU A 61 -7.54 -9.16 16.82
C LEU A 61 -7.45 -9.86 18.16
N ASN A 62 -6.76 -9.24 19.12
CA ASN A 62 -6.78 -9.73 20.49
C ASN A 62 -8.19 -9.77 21.06
N ARG A 63 -9.06 -8.85 20.61
CA ARG A 63 -10.46 -8.87 21.02
C ARG A 63 -11.12 -10.21 20.67
N ALA A 64 -10.74 -10.78 19.52
CA ALA A 64 -11.26 -12.09 19.16
C ALA A 64 -10.73 -13.16 20.10
N LEU A 65 -9.42 -13.16 20.32
CA LEU A 65 -8.77 -14.27 21.00
C LEU A 65 -8.89 -14.16 22.52
N THR A 66 -8.94 -12.93 23.07
CA THR A 66 -9.12 -12.79 24.51
C THR A 66 -10.47 -13.32 24.96
N GLY A 67 -11.47 -13.31 24.09
CA GLY A 67 -12.71 -14.02 24.34
C GLY A 67 -12.64 -15.41 23.74
N ILE A 68 -13.69 -15.80 23.02
CA ILE A 68 -13.74 -17.06 22.28
C ILE A 68 -13.20 -18.25 23.07
N THR A 210 57.19 87.26 -58.58
CA THR A 210 57.64 86.03 -57.94
C THR A 210 57.30 86.05 -56.45
N GLN A 211 57.24 87.27 -55.89
CA GLN A 211 56.87 87.40 -54.48
C GLN A 211 55.38 87.20 -54.27
N ASN A 212 54.55 87.72 -55.18
CA ASN A 212 53.12 87.60 -55.02
C ASN A 212 52.65 86.16 -55.13
N VAL A 213 53.20 85.41 -56.09
CA VAL A 213 52.85 83.99 -56.21
C VAL A 213 53.32 83.20 -54.99
N LEU A 214 54.49 83.53 -54.45
CA LEU A 214 54.97 82.82 -53.27
C LEU A 214 54.10 83.12 -52.05
N TYR A 215 53.65 84.37 -51.91
CA TYR A 215 52.73 84.72 -50.85
C TYR A 215 51.38 84.01 -51.02
N GLU A 216 50.89 83.91 -52.25
CA GLU A 216 49.64 83.20 -52.50
C GLU A 216 49.77 81.71 -52.17
N ASN A 217 50.90 81.11 -52.52
CA ASN A 217 51.12 79.70 -52.16
C ASN A 217 51.25 79.53 -50.65
N GLN A 218 51.83 80.53 -49.97
CA GLN A 218 51.88 80.49 -48.52
C GLN A 218 50.49 80.52 -47.90
N LYS A 219 49.64 81.43 -48.37
CA LYS A 219 48.25 81.46 -47.93
C LYS A 219 47.57 80.12 -48.23
N LEU A 220 47.87 79.54 -49.39
CA LEU A 220 47.27 78.27 -49.78
C LEU A 220 47.61 77.18 -48.78
N ILE A 221 48.91 77.00 -48.49
CA ILE A 221 49.29 75.92 -47.58
C ILE A 221 48.76 76.20 -46.18
N ALA A 222 48.71 77.46 -45.78
CA ALA A 222 48.19 77.79 -44.45
C ALA A 222 46.71 77.44 -44.33
N ASN A 223 45.91 77.80 -45.34
CA ASN A 223 44.48 77.54 -45.28
C ASN A 223 44.17 76.07 -45.44
N GLN A 224 44.90 75.38 -46.33
CA GLN A 224 44.77 73.93 -46.43
C GLN A 224 45.07 73.28 -45.09
N PHE A 225 46.15 73.70 -44.43
CA PHE A 225 46.51 73.15 -43.15
C PHE A 225 45.42 73.43 -42.11
N ASN A 226 44.90 74.66 -42.10
CA ASN A 226 43.87 75.04 -41.14
C ASN A 226 42.60 74.19 -41.31
N SER A 227 42.12 74.06 -42.54
CA SER A 227 40.94 73.24 -42.80
C SER A 227 41.22 71.78 -42.45
N ALA A 228 42.43 71.31 -42.72
CA ALA A 228 42.81 69.97 -42.33
C ALA A 228 42.70 69.81 -40.83
N ILE A 229 43.22 70.78 -40.07
CA ILE A 229 43.13 70.76 -38.62
C ILE A 229 41.68 70.65 -38.17
N GLY A 230 40.80 71.41 -38.80
CA GLY A 230 39.39 71.36 -38.42
C GLY A 230 38.78 69.98 -38.62
N LYS A 231 39.05 69.36 -39.79
CA LYS A 231 38.55 68.01 -40.01
C LYS A 231 39.23 66.97 -39.12
N ILE A 232 40.50 67.18 -38.74
CA ILE A 232 41.13 66.26 -37.80
C ILE A 232 40.44 66.35 -36.44
N GLN A 233 40.15 67.57 -35.99
CA GLN A 233 39.47 67.75 -34.72
C GLN A 233 38.08 67.14 -34.74
N ASP A 234 37.37 67.24 -35.87
CA ASP A 234 36.04 66.65 -35.94
C ASP A 234 36.12 65.13 -36.00
N SER A 235 37.06 64.60 -36.76
CA SER A 235 37.30 63.15 -36.77
C SER A 235 37.58 62.64 -35.37
N LEU A 236 38.39 63.39 -34.62
CA LEU A 236 38.74 63.07 -33.25
C LEU A 236 37.53 63.06 -32.33
N SER A 237 36.72 64.12 -32.37
CA SER A 237 35.53 64.19 -31.54
C SER A 237 34.56 63.04 -31.86
N SER A 238 34.34 62.79 -33.15
CA SER A 238 33.39 61.76 -33.55
C SER A 238 33.87 60.38 -33.14
N THR A 239 35.15 60.08 -33.41
CA THR A 239 35.72 58.80 -33.02
C THR A 239 35.68 58.61 -31.51
N ALA A 240 35.96 59.69 -30.76
CA ALA A 240 35.93 59.59 -29.30
C ALA A 240 34.52 59.28 -28.81
N SER A 241 33.52 59.98 -29.34
CA SER A 241 32.13 59.71 -28.93
C SER A 241 31.71 58.29 -29.26
N ALA A 242 32.02 57.82 -30.47
CA ALA A 242 31.62 56.48 -30.86
C ALA A 242 32.35 55.42 -30.03
N LEU A 243 33.64 55.64 -29.77
CA LEU A 243 34.40 54.71 -28.94
C LEU A 243 33.88 54.65 -27.53
N GLY A 244 33.49 55.80 -26.95
CA GLY A 244 32.86 55.79 -25.65
C GLY A 244 31.52 55.09 -25.62
N LYS A 245 30.70 55.26 -26.66
CA LYS A 245 29.45 54.52 -26.71
C LYS A 245 29.71 53.01 -26.81
N LEU A 246 30.75 52.60 -27.53
CA LEU A 246 31.07 51.18 -27.60
C LEU A 246 31.53 50.66 -26.24
N GLN A 247 32.41 51.40 -25.58
CA GLN A 247 32.87 51.00 -24.25
C GLN A 247 31.72 50.95 -23.26
N ASP A 248 30.69 51.77 -23.48
CA ASP A 248 29.50 51.72 -22.65
C ASP A 248 28.70 50.45 -22.89
N VAL A 249 28.38 50.16 -24.15
CA VAL A 249 27.54 49.01 -24.45
C VAL A 249 28.23 47.71 -24.08
N VAL A 250 29.56 47.65 -24.22
CA VAL A 250 30.28 46.43 -23.85
C VAL A 250 30.20 46.20 -22.35
N ASN A 251 30.40 47.26 -21.57
CA ASN A 251 30.33 47.12 -20.12
C ASN A 251 28.91 46.82 -19.68
N GLN A 252 27.90 47.29 -20.43
CA GLN A 252 26.53 46.93 -20.14
C GLN A 252 26.29 45.44 -20.43
N ASN A 253 26.88 44.94 -21.52
CA ASN A 253 26.82 43.50 -21.81
C ASN A 253 27.47 42.69 -20.70
N ALA A 254 28.62 43.15 -20.21
CA ALA A 254 29.30 42.46 -19.11
C ALA A 254 28.46 42.50 -17.83
N GLN A 255 27.81 43.63 -17.56
CA GLN A 255 26.94 43.73 -16.41
C GLN A 255 25.76 42.77 -16.53
N ALA A 256 25.14 42.71 -17.71
CA ALA A 256 24.06 41.76 -17.93
C ALA A 256 24.53 40.33 -17.77
N LEU A 257 25.76 40.04 -18.20
CA LEU A 257 26.34 38.71 -17.98
C LEU A 257 26.46 38.40 -16.50
N ASN A 258 26.99 39.34 -15.70
CA ASN A 258 27.15 39.06 -14.27
C ASN A 258 25.80 38.88 -13.58
N THR A 259 24.81 39.71 -13.94
CA THR A 259 23.50 39.59 -13.31
C THR A 259 22.82 38.29 -13.71
N LEU A 260 22.93 37.91 -14.99
CA LEU A 260 22.40 36.63 -15.43
C LEU A 260 23.07 35.47 -14.72
N VAL A 261 24.39 35.56 -14.52
CA VAL A 261 25.10 34.51 -13.80
C VAL A 261 24.57 34.37 -12.38
N LYS A 262 24.35 35.50 -11.70
CA LYS A 262 23.84 35.44 -10.34
C LYS A 262 22.44 34.84 -10.29
N GLN A 263 21.56 35.31 -11.19
CA GLN A 263 20.19 34.81 -11.19
C GLN A 263 20.14 33.32 -11.51
N LEU A 264 20.97 32.88 -12.46
CA LEU A 264 21.02 31.47 -12.81
C LEU A 264 21.62 30.63 -11.70
N SER A 265 22.59 31.16 -10.95
CA SER A 265 23.13 30.42 -9.82
C SER A 265 22.07 30.20 -8.75
N SER A 266 21.29 31.26 -8.45
CA SER A 266 20.18 31.09 -7.52
C SER A 266 19.18 30.07 -8.05
N ASN A 267 18.86 30.14 -9.35
CA ASN A 267 17.95 29.19 -9.97
C ASN A 267 18.45 27.76 -9.79
N PHE A 268 19.73 27.52 -10.09
CA PHE A 268 20.30 26.18 -10.00
C PHE A 268 20.35 25.68 -8.57
N GLY A 269 20.62 26.55 -7.60
CA GLY A 269 20.58 26.13 -6.21
C GLY A 269 19.19 25.70 -5.80
N ALA A 270 18.18 26.50 -6.13
CA ALA A 270 16.80 26.13 -5.80
C ALA A 270 16.41 24.82 -6.47
N ILE A 271 16.77 24.66 -7.75
CA ILE A 271 16.40 23.45 -8.49
C ILE A 271 17.07 22.23 -7.88
N SER A 272 18.36 22.32 -7.57
CA SER A 272 19.08 21.23 -6.94
C SER A 272 18.40 20.84 -5.63
N SER A 273 18.09 21.82 -4.79
CA SER A 273 17.47 21.51 -3.51
C SER A 273 16.12 20.81 -3.70
N VAL A 274 15.27 21.34 -4.59
CA VAL A 274 13.93 20.81 -4.76
C VAL A 274 13.97 19.40 -5.34
N LEU A 275 14.80 19.18 -6.36
CA LEU A 275 14.86 17.87 -6.99
C LEU A 275 15.56 16.85 -6.09
N ASN A 276 16.50 17.30 -5.25
CA ASN A 276 17.08 16.40 -4.25
C ASN A 276 16.04 15.98 -3.23
N ASP A 277 15.23 16.92 -2.76
CA ASP A 277 14.14 16.56 -1.86
C ASP A 277 13.23 15.54 -2.54
N ILE A 278 12.90 15.79 -3.81
CA ILE A 278 12.03 14.88 -4.55
C ILE A 278 12.63 13.48 -4.63
N LEU A 279 13.89 13.38 -5.03
CA LEU A 279 14.50 12.05 -5.19
C LEU A 279 14.64 11.34 -3.85
N SER A 280 14.96 12.09 -2.78
CA SER A 280 15.09 11.46 -1.46
C SER A 280 13.76 10.90 -0.97
N ARG A 281 12.70 11.71 -0.98
CA ARG A 281 11.40 11.19 -0.58
C ARG A 281 10.90 10.14 -1.56
N LEU A 282 11.33 10.22 -2.82
CA LEU A 282 11.09 9.13 -3.77
C LEU A 282 11.65 7.81 -3.28
N ASP A 283 12.91 7.79 -2.88
CA ASP A 283 13.51 6.54 -2.43
C ASP A 283 12.83 6.05 -1.15
N LYS A 284 12.52 6.97 -0.23
CA LYS A 284 11.88 6.55 1.01
C LYS A 284 10.52 5.91 0.73
N VAL A 285 9.71 6.53 -0.14
CA VAL A 285 8.41 5.98 -0.48
C VAL A 285 8.56 4.64 -1.19
N GLU A 286 9.55 4.53 -2.08
CA GLU A 286 9.78 3.27 -2.78
C GLU A 286 10.17 2.15 -1.84
N ALA A 287 10.86 2.47 -0.74
CA ALA A 287 11.14 1.44 0.26
C ALA A 287 9.90 1.12 1.09
N GLU A 288 9.20 2.16 1.55
CA GLU A 288 8.09 1.99 2.48
C GLU A 288 6.94 1.23 1.85
N VAL A 289 6.70 1.45 0.54
CA VAL A 289 5.62 0.71 -0.11
C VAL A 289 5.87 -0.79 -0.09
N GLN A 290 7.13 -1.21 -0.27
CA GLN A 290 7.46 -2.63 -0.18
C GLN A 290 7.39 -3.15 1.24
N ILE A 291 7.88 -2.37 2.20
CA ILE A 291 7.78 -2.78 3.60
C ILE A 291 6.31 -2.96 4.01
N ASP A 292 5.46 -2.03 3.57
CA ASP A 292 4.03 -2.14 3.85
C ASP A 292 3.38 -3.28 3.08
N ARG A 293 3.86 -3.57 1.87
CA ARG A 293 3.34 -4.71 1.14
C ARG A 293 3.61 -6.01 1.89
N LEU A 294 4.83 -6.15 2.43
CA LEU A 294 5.12 -7.34 3.22
C LEU A 294 4.31 -7.37 4.51
N ILE A 295 4.12 -6.20 5.14
CA ILE A 295 3.25 -6.14 6.32
C ILE A 295 1.85 -6.63 5.97
N THR A 296 1.31 -6.16 4.85
CA THR A 296 -0.03 -6.55 4.42
C THR A 296 -0.11 -8.04 4.13
N GLY A 297 0.92 -8.61 3.51
CA GLY A 297 0.94 -10.04 3.28
C GLY A 297 1.06 -10.86 4.55
N ARG A 298 1.72 -10.33 5.58
CA ARG A 298 1.79 -11.01 6.86
C ARG A 298 0.51 -10.82 7.67
N LEU A 299 -0.24 -9.75 7.38
CA LEU A 299 -1.56 -9.57 7.99
C LEU A 299 -2.47 -10.75 7.66
N GLN A 300 -2.34 -11.30 6.45
CA GLN A 300 -3.13 -12.48 6.08
C GLN A 300 -2.76 -13.68 6.92
N SER A 301 -1.46 -13.87 7.20
CA SER A 301 -1.05 -14.96 8.08
C SER A 301 -1.57 -14.75 9.49
N LEU A 302 -1.48 -13.52 10.01
CA LEU A 302 -1.99 -13.26 11.35
C LEU A 302 -3.50 -13.47 11.42
N GLN A 303 -4.23 -13.11 10.37
CA GLN A 303 -5.67 -13.32 10.38
C GLN A 303 -6.04 -14.79 10.22
N THR A 304 -5.24 -15.55 9.48
CA THR A 304 -5.45 -17.00 9.42
C THR A 304 -5.21 -17.63 10.78
N TYR A 305 -4.17 -17.16 11.49
CA TYR A 305 -3.94 -17.58 12.86
C TYR A 305 -5.15 -17.28 13.74
N VAL A 306 -5.67 -16.05 13.64
CA VAL A 306 -6.82 -15.65 14.43
C VAL A 306 -8.02 -16.54 14.12
N THR A 307 -8.26 -16.79 12.84
CA THR A 307 -9.39 -17.62 12.43
C THR A 307 -9.28 -19.03 12.98
N GLN A 308 -8.09 -19.64 12.84
CA GLN A 308 -7.89 -20.99 13.35
C GLN A 308 -8.02 -21.04 14.87
N GLN A 309 -7.59 -19.99 15.57
CA GLN A 309 -7.74 -19.94 17.01
C GLN A 309 -9.20 -19.82 17.44
N LEU A 310 -9.99 -19.04 16.70
CA LEU A 310 -11.42 -18.95 16.97
C LEU A 310 -12.11 -20.28 16.69
N ILE A 311 -11.69 -20.96 15.61
CA ILE A 311 -12.17 -22.31 15.32
C ILE A 311 -11.90 -23.23 16.51
N ARG A 312 -10.66 -23.19 17.01
CA ARG A 312 -10.29 -24.07 18.10
C ARG A 312 -11.10 -23.77 19.37
N ALA A 313 -11.35 -22.49 19.65
CA ALA A 313 -12.13 -22.15 20.83
C ALA A 313 -13.59 -22.55 20.67
N ALA A 314 -14.13 -22.44 19.46
CA ALA A 314 -15.48 -22.92 19.20
C ALA A 314 -15.59 -24.43 19.33
N GLU A 315 -14.49 -25.15 19.08
CA GLU A 315 -14.47 -26.58 19.37
C GLU A 315 -14.31 -26.84 20.86
N ILE A 316 -13.59 -25.96 21.55
CA ILE A 316 -13.37 -26.11 22.99
C ILE A 316 -14.68 -25.99 23.76
N ARG A 317 -15.50 -24.99 23.42
CA ARG A 317 -16.77 -24.84 24.13
C ARG A 317 -17.72 -26.00 23.87
N ALA A 318 -17.69 -26.58 22.67
CA ALA A 318 -18.47 -27.77 22.40
C ALA A 318 -17.96 -28.97 23.16
N SER A 319 -16.64 -29.13 23.29
CA SER A 319 -16.10 -30.21 24.11
C SER A 319 -16.45 -30.02 25.57
N ALA A 320 -16.56 -28.76 26.02
CA ALA A 320 -17.01 -28.50 27.38
C ALA A 320 -18.48 -28.88 27.58
N ASN A 321 -19.33 -28.61 26.58
CA ASN A 321 -20.72 -29.05 26.68
C ASN A 321 -20.82 -30.57 26.68
N LEU A 322 -20.01 -31.24 25.86
CA LEU A 322 -19.96 -32.70 25.89
C LEU A 322 -19.50 -33.20 27.25
N ALA A 323 -18.53 -32.52 27.84
CA ALA A 323 -18.11 -32.84 29.21
C ALA A 323 -19.26 -32.68 30.19
N ALA A 324 -20.06 -31.63 30.04
CA ALA A 324 -21.20 -31.41 30.92
C ALA A 324 -22.19 -32.57 30.84
N THR A 325 -22.57 -32.96 29.62
CA THR A 325 -23.57 -34.03 29.49
C THR A 325 -22.99 -35.39 29.89
N LYS A 326 -21.69 -35.60 29.66
CA LYS A 326 -21.06 -36.84 30.08
C LYS A 326 -20.98 -36.93 31.60
N MET A 327 -20.80 -35.80 32.28
CA MET A 327 -20.92 -35.77 33.73
C MET A 327 -22.35 -36.09 34.16
N SER A 328 -23.32 -35.44 33.51
CA SER A 328 -24.72 -35.59 33.92
C SER A 328 -25.20 -37.03 33.79
N GLU A 329 -25.12 -37.59 32.58
CA GLU A 329 -25.73 -38.88 32.29
C GLU A 329 -24.99 -40.05 32.94
N CYS A 330 -23.79 -39.82 33.49
CA CYS A 330 -22.95 -40.95 33.90
C CYS A 330 -22.38 -40.85 35.31
N VAL A 331 -22.13 -39.66 35.84
CA VAL A 331 -21.72 -39.55 37.24
C VAL A 331 -22.95 -39.44 38.14
N LEU A 332 -23.91 -38.62 37.73
CA LEU A 332 -25.19 -38.53 38.40
C LEU A 332 -26.09 -39.70 38.06
N GLY A 333 -25.80 -40.41 36.99
CA GLY A 333 -26.60 -41.54 36.58
C GLY A 333 -25.80 -42.66 35.95
N GLN A 334 -26.40 -43.35 34.99
CA GLN A 334 -25.75 -44.48 34.35
C GLN A 334 -26.18 -44.55 32.89
N SER A 335 -25.21 -44.43 32.00
CA SER A 335 -25.48 -44.37 30.56
C SER A 335 -25.90 -45.73 30.03
N LYS A 336 -26.95 -45.73 29.21
CA LYS A 336 -27.45 -46.94 28.58
C LYS A 336 -26.90 -47.14 27.18
N ARG A 337 -26.15 -46.18 26.65
CA ARG A 337 -25.69 -46.22 25.28
C ARG A 337 -24.36 -46.96 25.18
N VAL A 338 -24.11 -47.54 24.00
CA VAL A 338 -22.98 -48.43 23.77
C VAL A 338 -21.72 -47.58 23.62
N ASP A 339 -20.71 -47.87 24.45
CA ASP A 339 -19.41 -47.25 24.53
C ASP A 339 -19.48 -45.82 25.07
N PHE A 340 -20.67 -45.25 25.24
CA PHE A 340 -20.78 -43.94 25.84
C PHE A 340 -20.47 -44.03 27.33
N CYS A 341 -19.61 -43.13 27.79
CA CYS A 341 -19.12 -43.16 29.17
C CYS A 341 -18.46 -44.49 29.49
N GLY A 342 -17.34 -44.73 28.83
CA GLY A 342 -16.57 -45.94 29.07
C GLY A 342 -16.85 -47.03 28.06
N LYS A 343 -15.78 -47.70 27.64
CA LYS A 343 -15.93 -48.78 26.67
C LYS A 343 -16.77 -49.90 27.26
N GLY A 344 -17.59 -50.51 26.41
CA GLY A 344 -18.53 -51.50 26.88
C GLY A 344 -19.83 -50.83 27.29
N TYR A 345 -20.38 -51.23 28.43
CA TYR A 345 -21.64 -50.70 28.92
C TYR A 345 -21.42 -50.08 30.29
N HIS A 346 -21.89 -48.85 30.46
CA HIS A 346 -21.56 -48.03 31.61
C HIS A 346 -22.22 -48.57 32.88
N LEU A 347 -21.42 -48.74 33.93
CA LEU A 347 -21.91 -49.11 35.26
C LEU A 347 -21.90 -47.93 36.21
N MET A 348 -20.84 -47.13 36.18
CA MET A 348 -20.70 -45.99 37.07
C MET A 348 -19.64 -45.07 36.49
N SER A 349 -19.66 -43.81 36.92
CA SER A 349 -18.65 -42.87 36.49
C SER A 349 -18.22 -42.00 37.66
N PHE A 350 -16.97 -41.55 37.58
CA PHE A 350 -16.37 -40.72 38.61
C PHE A 350 -15.64 -39.56 37.95
N PRO A 351 -16.04 -38.33 38.22
CA PRO A 351 -15.45 -37.18 37.53
C PRO A 351 -14.25 -36.63 38.29
N GLN A 352 -13.32 -36.07 37.52
CA GLN A 352 -12.16 -35.40 38.09
C GLN A 352 -11.75 -34.25 37.16
N SER A 353 -11.19 -33.20 37.73
CA SER A 353 -10.86 -32.03 36.94
C SER A 353 -9.46 -32.16 36.32
N ALA A 354 -9.17 -31.24 35.40
CA ALA A 354 -7.90 -31.16 34.69
C ALA A 354 -7.68 -29.70 34.31
N PRO A 355 -6.43 -29.26 34.13
CA PRO A 355 -6.17 -27.80 33.98
C PRO A 355 -7.08 -27.10 32.99
N HIS A 356 -7.50 -27.78 31.93
CA HIS A 356 -8.49 -27.25 31.00
C HIS A 356 -9.46 -28.34 30.55
N GLY A 357 -9.69 -29.34 31.39
CA GLY A 357 -10.53 -30.45 30.99
C GLY A 357 -11.17 -31.17 32.16
N VAL A 358 -11.88 -32.24 31.82
CA VAL A 358 -12.44 -33.16 32.80
C VAL A 358 -12.12 -34.58 32.35
N VAL A 359 -11.86 -35.45 33.32
CA VAL A 359 -11.61 -36.86 33.07
C VAL A 359 -12.64 -37.66 33.83
N PHE A 360 -13.26 -38.62 33.17
CA PHE A 360 -14.20 -39.52 33.81
C PHE A 360 -13.61 -40.93 33.89
N LEU A 361 -13.60 -41.48 35.09
CA LEU A 361 -13.32 -42.90 35.30
C LEU A 361 -14.66 -43.62 35.28
N HIS A 362 -14.97 -44.23 34.14
CA HIS A 362 -16.19 -45.03 34.00
C HIS A 362 -15.86 -46.48 34.29
N VAL A 363 -16.45 -47.01 35.35
CA VAL A 363 -16.47 -48.45 35.54
C VAL A 363 -17.57 -48.96 34.64
N THR A 364 -17.21 -49.84 33.72
CA THR A 364 -18.10 -50.35 32.70
C THR A 364 -17.85 -51.84 32.59
N TYR A 365 -18.51 -52.49 31.65
CA TYR A 365 -18.17 -53.86 31.30
C TYR A 365 -18.10 -54.02 29.79
N VAL A 366 -16.98 -54.59 29.34
CA VAL A 366 -16.78 -54.89 27.93
C VAL A 366 -17.19 -56.35 27.74
N PRO A 367 -17.60 -56.76 26.55
CA PRO A 367 -17.96 -58.17 26.36
C PRO A 367 -16.76 -59.09 26.31
N ALA A 368 -16.55 -59.90 27.35
CA ALA A 368 -15.43 -60.84 27.37
C ALA A 368 -15.54 -61.82 26.20
N GLN A 369 -16.71 -62.41 26.02
CA GLN A 369 -16.97 -63.34 24.93
C GLN A 369 -18.28 -62.97 24.27
N GLU A 370 -18.35 -63.17 22.96
CA GLU A 370 -19.58 -62.97 22.22
C GLU A 370 -19.60 -63.96 21.06
N LYS A 371 -20.81 -64.33 20.67
CA LYS A 371 -21.00 -65.32 19.62
C LYS A 371 -21.81 -64.72 18.50
N ASN A 372 -21.42 -65.01 17.26
CA ASN A 372 -22.11 -64.45 16.09
C ASN A 372 -23.36 -65.28 15.79
N PHE A 373 -24.52 -64.73 16.13
CA PHE A 373 -25.79 -65.37 15.81
C PHE A 373 -26.42 -64.69 14.62
N THR A 374 -27.00 -65.50 13.72
CA THR A 374 -27.81 -64.93 12.66
C THR A 374 -29.04 -64.27 13.28
N THR A 375 -29.27 -63.02 12.88
CA THR A 375 -30.28 -62.19 13.50
C THR A 375 -31.00 -61.42 12.42
N ALA A 376 -32.30 -61.26 12.61
CA ALA A 376 -33.15 -60.48 11.74
C ALA A 376 -33.90 -59.45 12.59
N PRO A 377 -33.74 -58.17 12.29
CA PRO A 377 -34.42 -57.14 13.11
C PRO A 377 -35.93 -57.28 13.09
N ALA A 378 -36.47 -58.01 12.12
CA ALA A 378 -37.87 -58.36 12.07
C ALA A 378 -38.00 -59.59 11.19
N ILE A 379 -39.04 -60.38 11.45
CA ILE A 379 -39.41 -61.50 10.60
C ILE A 379 -40.88 -61.35 10.24
N CYS A 380 -41.21 -61.57 8.97
CA CYS A 380 -42.54 -61.31 8.46
C CYS A 380 -43.28 -62.62 8.34
N HIS A 381 -44.13 -62.91 9.33
CA HIS A 381 -44.98 -64.09 9.29
C HIS A 381 -46.28 -63.76 8.57
N ASP A 382 -46.54 -64.44 7.46
CA ASP A 382 -47.74 -64.30 6.63
C ASP A 382 -48.18 -62.84 6.45
N GLY A 383 -47.24 -61.97 6.08
CA GLY A 383 -47.56 -60.58 5.78
C GLY A 383 -47.62 -59.67 6.98
N LYS A 384 -47.37 -60.18 8.17
CA LYS A 384 -47.37 -59.40 9.40
C LYS A 384 -45.96 -59.40 9.96
N ALA A 385 -45.37 -58.22 10.09
CA ALA A 385 -44.01 -58.10 10.55
C ALA A 385 -43.98 -58.17 12.08
N HIS A 386 -43.43 -59.26 12.60
CA HIS A 386 -43.15 -59.37 14.02
C HIS A 386 -41.69 -59.04 14.21
N PHE A 387 -41.42 -57.98 14.96
CA PHE A 387 -40.08 -57.49 15.21
C PHE A 387 -39.89 -57.44 16.72
N PRO A 388 -38.74 -57.87 17.21
CA PRO A 388 -38.57 -58.00 18.67
C PRO A 388 -38.78 -56.67 19.39
N ARG A 389 -39.27 -56.79 20.62
CA ARG A 389 -39.53 -55.65 21.49
C ARG A 389 -38.32 -55.51 22.41
N GLU A 390 -37.44 -54.55 22.09
CA GLU A 390 -36.24 -54.29 22.89
C GLU A 390 -35.32 -55.51 22.90
N GLY A 391 -35.16 -56.11 21.73
CA GLY A 391 -34.30 -57.28 21.59
C GLY A 391 -34.09 -57.57 20.12
N VAL A 392 -33.38 -58.66 19.86
CA VAL A 392 -33.10 -59.06 18.49
C VAL A 392 -33.48 -60.51 18.28
N PHE A 393 -33.91 -60.81 17.06
CA PHE A 393 -34.25 -62.18 16.69
C PHE A 393 -33.01 -63.02 16.47
N VAL A 394 -32.40 -63.50 17.55
CA VAL A 394 -31.38 -64.52 17.40
C VAL A 394 -32.03 -65.73 16.76
N SER A 395 -31.49 -66.15 15.62
CA SER A 395 -32.06 -67.28 14.89
C SER A 395 -31.40 -68.54 15.43
N ASN A 396 -32.13 -69.26 16.27
CA ASN A 396 -31.75 -70.60 16.69
C ASN A 396 -31.77 -71.52 15.48
N GLY A 397 -31.40 -72.78 15.72
CA GLY A 397 -31.43 -73.78 14.66
C GLY A 397 -32.76 -73.86 13.94
N THR A 398 -33.87 -73.57 14.63
CA THR A 398 -35.19 -73.61 14.03
C THR A 398 -36.05 -72.42 14.40
N HIS A 399 -35.76 -71.72 15.50
CA HIS A 399 -36.68 -70.73 16.03
C HIS A 399 -35.99 -69.38 16.12
N TRP A 400 -36.80 -68.35 16.20
CA TRP A 400 -36.34 -67.00 16.47
C TRP A 400 -36.58 -66.71 17.94
N PHE A 401 -35.55 -66.22 18.63
CA PHE A 401 -35.70 -65.79 20.00
C PHE A 401 -35.46 -64.29 20.06
N VAL A 402 -36.19 -63.63 20.96
CA VAL A 402 -35.94 -62.22 21.23
C VAL A 402 -34.89 -62.16 22.32
N THR A 403 -33.62 -62.25 21.93
CA THR A 403 -32.53 -62.18 22.88
C THR A 403 -32.18 -60.73 23.17
N GLN A 404 -31.53 -60.54 24.32
CA GLN A 404 -30.98 -59.24 24.68
C GLN A 404 -29.89 -58.87 23.67
N ARG A 405 -29.94 -57.64 23.16
CA ARG A 405 -28.94 -57.20 22.19
C ARG A 405 -27.53 -57.28 22.77
N ASN A 406 -27.37 -56.85 24.02
CA ASN A 406 -26.05 -56.77 24.63
C ASN A 406 -25.66 -58.01 25.42
N PHE A 407 -26.44 -59.09 25.34
CA PHE A 407 -26.06 -60.32 26.01
C PHE A 407 -26.82 -61.49 25.37
N TYR A 408 -26.11 -62.59 25.14
CA TYR A 408 -26.73 -63.77 24.56
C TYR A 408 -27.68 -64.36 25.59
N GLU A 409 -28.96 -64.03 25.46
CA GLU A 409 -29.99 -64.52 26.36
C GLU A 409 -31.24 -64.75 25.54
N PRO A 410 -31.29 -65.85 24.80
CA PRO A 410 -32.39 -66.04 23.84
C PRO A 410 -33.73 -66.22 24.55
N GLN A 411 -34.75 -65.53 24.03
CA GLN A 411 -36.09 -65.56 24.59
C GLN A 411 -37.10 -65.60 23.45
N ILE A 412 -38.02 -66.57 23.53
CA ILE A 412 -38.89 -66.93 22.41
C ILE A 412 -39.70 -65.73 21.92
N ILE A 413 -40.03 -65.74 20.63
CA ILE A 413 -40.92 -64.73 20.06
C ILE A 413 -42.21 -64.71 20.86
N THR A 414 -42.57 -63.53 21.36
CA THR A 414 -43.92 -63.29 21.88
C THR A 414 -44.38 -61.95 21.38
N THR A 415 -45.71 -61.75 21.38
CA THR A 415 -46.24 -60.43 21.08
C THR A 415 -45.89 -59.42 22.17
N ASP A 416 -45.48 -59.90 23.34
CA ASP A 416 -44.82 -59.07 24.34
C ASP A 416 -43.32 -58.98 24.10
N ASN A 417 -42.73 -59.96 23.41
CA ASN A 417 -41.35 -59.89 22.96
C ASN A 417 -41.23 -59.26 21.59
N THR A 418 -42.30 -59.22 20.81
CA THR A 418 -42.27 -58.65 19.47
C THR A 418 -43.52 -57.80 19.27
N PHE A 419 -43.31 -56.62 18.71
CA PHE A 419 -44.43 -55.87 18.17
C PHE A 419 -44.82 -56.48 16.82
N VAL A 420 -46.08 -56.31 16.48
CA VAL A 420 -46.64 -56.89 15.27
C VAL A 420 -47.03 -55.75 14.35
N SER A 421 -46.83 -55.96 13.06
CA SER A 421 -47.09 -54.94 12.05
C SER A 421 -48.15 -55.47 11.10
N GLY A 422 -48.41 -54.72 10.04
CA GLY A 422 -49.38 -55.11 9.04
C GLY A 422 -48.88 -54.83 7.65
N ASN A 423 -49.27 -55.66 6.70
CA ASN A 423 -48.99 -55.57 5.26
C ASN A 423 -47.54 -55.94 4.95
N CYS A 424 -46.72 -56.26 5.95
CA CYS A 424 -45.32 -56.66 5.74
C CYS A 424 -44.52 -55.55 5.06
N ASP A 425 -44.94 -54.30 5.24
CA ASP A 425 -44.37 -53.17 4.53
C ASP A 425 -43.27 -52.52 5.36
N VAL A 426 -42.11 -52.30 4.73
CA VAL A 426 -40.96 -51.67 5.36
C VAL A 426 -40.87 -50.23 4.87
N VAL A 427 -40.91 -49.28 5.80
CA VAL A 427 -40.77 -47.88 5.42
C VAL A 427 -39.29 -47.57 5.22
N ILE A 428 -38.95 -47.02 4.06
CA ILE A 428 -37.56 -46.74 3.72
C ILE A 428 -37.30 -45.26 3.94
N GLY A 429 -36.34 -44.94 4.79
CA GLY A 429 -35.98 -43.57 5.11
C GLY A 429 -34.63 -43.22 4.52
N ILE A 430 -34.48 -41.96 4.12
CA ILE A 430 -33.22 -41.42 3.62
C ILE A 430 -32.90 -40.16 4.42
N VAL A 431 -31.68 -40.11 4.94
CA VAL A 431 -31.21 -38.99 5.75
C VAL A 431 -29.79 -38.64 5.28
N ASN A 432 -29.55 -37.35 5.04
CA ASN A 432 -28.23 -36.86 4.69
C ASN A 432 -27.98 -35.63 5.55
N ASN A 433 -27.10 -35.76 6.54
CA ASN A 433 -26.74 -34.66 7.42
C ASN A 433 -25.72 -33.79 6.68
N THR A 434 -26.23 -33.00 5.74
CA THR A 434 -25.38 -32.14 4.92
C THR A 434 -24.86 -30.99 5.77
N VAL A 435 -23.59 -31.09 6.17
CA VAL A 435 -22.95 -29.98 6.88
C VAL A 435 -22.92 -28.77 5.96
N TYR A 436 -23.02 -27.58 6.57
CA TYR A 436 -23.22 -26.37 5.80
C TYR A 436 -22.00 -26.06 4.93
N ASP A 437 -22.24 -25.88 3.63
CA ASP A 437 -21.19 -25.46 2.72
C ASP A 437 -21.27 -23.96 2.52
N PRO A 438 -20.31 -23.19 2.99
CA PRO A 438 -20.46 -21.73 2.99
C PRO A 438 -20.29 -21.13 1.60
N LEU A 439 -20.89 -19.95 1.43
CA LEU A 439 -20.78 -19.20 0.19
C LEU A 439 -19.40 -18.59 0.07
N GLN A 440 -18.50 -19.26 -0.64
CA GLN A 440 -17.13 -18.79 -0.71
C GLN A 440 -17.01 -17.56 -1.61
N PRO A 441 -16.18 -16.59 -1.23
CA PRO A 441 -16.06 -15.29 -1.92
C PRO A 441 -15.31 -15.35 -3.24
N GLU A 442 -16.04 -15.71 -4.30
CA GLU A 442 -15.45 -15.75 -5.64
C GLU A 442 -15.22 -14.34 -6.18
N LEU A 443 -14.06 -14.14 -6.81
CA LEU A 443 -13.66 -12.86 -7.35
C LEU A 443 -13.53 -12.92 -8.86
N ASP A 444 -13.60 -11.75 -9.49
CA ASP A 444 -13.22 -11.61 -10.88
C ASP A 444 -11.72 -11.82 -11.04
N SER A 445 -11.28 -11.89 -12.29
CA SER A 445 -9.85 -11.84 -12.56
C SER A 445 -9.31 -10.45 -12.28
N PHE A 446 -8.01 -10.38 -12.00
CA PHE A 446 -7.42 -9.13 -11.52
C PHE A 446 -7.56 -8.00 -12.54
N LYS A 447 -7.54 -8.34 -13.84
CA LYS A 447 -7.58 -7.30 -14.85
C LYS A 447 -8.91 -6.54 -14.84
N GLU A 448 -10.01 -7.27 -14.66
CA GLU A 448 -11.33 -6.63 -14.68
C GLU A 448 -11.54 -5.76 -13.44
N GLU A 449 -11.18 -6.28 -12.26
CA GLU A 449 -11.31 -5.49 -11.05
C GLU A 449 -10.27 -4.37 -10.98
N LEU A 450 -9.20 -4.47 -11.77
CA LEU A 450 -8.17 -3.44 -11.80
C LEU A 450 -8.57 -2.30 -12.72
N ASP A 451 -8.69 -2.60 -14.02
CA ASP A 451 -9.07 -1.58 -14.99
C ASP A 451 -10.43 -0.95 -14.67
N LYS A 452 -11.19 -1.56 -13.76
CA LYS A 452 -12.41 -0.92 -13.26
C LYS A 452 -12.11 0.44 -12.64
N TYR A 453 -10.97 0.57 -11.95
CA TYR A 453 -10.60 1.81 -11.29
C TYR A 453 -9.18 2.22 -11.64
N PHE A 454 -8.35 1.27 -12.05
CA PHE A 454 -6.96 1.56 -12.35
C PHE A 454 -6.85 2.49 -13.55
N LYS A 455 -6.16 3.62 -13.36
CA LYS A 455 -5.86 4.55 -14.42
C LYS A 455 -4.39 4.46 -14.73
N ASN A 456 -4.07 4.25 -16.01
CA ASN A 456 -2.70 3.94 -16.38
C ASN A 456 -1.95 5.19 -16.81
N HIS A 457 -2.03 6.21 -15.97
CA HIS A 457 -1.47 7.51 -16.28
C HIS A 457 0.05 7.46 -16.34
N THR A 458 0.61 7.90 -17.46
CA THR A 458 2.05 7.97 -17.66
C THR A 458 2.43 9.41 -17.96
N SER A 459 3.27 9.99 -17.11
CA SER A 459 3.70 11.36 -17.29
C SER A 459 4.72 11.45 -18.42
N PRO A 460 4.74 12.56 -19.16
CA PRO A 460 5.54 12.61 -20.38
C PRO A 460 7.00 12.90 -20.12
N ASP A 461 7.81 12.58 -21.12
CA ASP A 461 9.21 12.96 -21.16
C ASP A 461 9.33 14.47 -21.19
N VAL A 462 10.19 15.01 -20.32
CA VAL A 462 10.41 16.44 -20.28
C VAL A 462 11.23 16.83 -21.50
N ASP A 463 10.82 17.92 -22.15
CA ASP A 463 11.62 18.57 -23.16
C ASP A 463 11.66 20.05 -22.84
N LEU A 464 12.87 20.62 -22.83
CA LEU A 464 13.08 22.00 -22.44
C LEU A 464 14.03 22.64 -23.43
N GLY A 465 14.04 23.96 -23.45
CA GLY A 465 14.73 24.75 -24.47
C GLY A 465 16.19 24.39 -24.71
N ASP A 466 16.56 24.28 -25.98
CA ASP A 466 17.90 23.90 -26.41
C ASP A 466 18.70 25.15 -26.75
N ILE A 467 19.36 25.71 -25.73
CA ILE A 467 20.16 26.92 -25.91
C ILE A 467 21.38 26.70 -26.80
N SER A 468 21.62 25.47 -27.24
CA SER A 468 22.75 25.19 -28.13
C SER A 468 22.60 25.84 -29.50
N GLY A 469 21.42 26.34 -29.86
CA GLY A 469 21.15 26.90 -31.16
C GLY A 469 21.26 28.41 -31.24
N ILE A 470 21.97 29.04 -30.31
CA ILE A 470 21.97 30.51 -30.22
C ILE A 470 23.23 31.09 -30.85
N ASN A 471 23.83 30.40 -31.79
CA ASN A 471 24.87 31.09 -32.54
C ASN A 471 24.18 31.86 -33.69
N GLN A 478 41.47 43.36 -38.66
CA GLN A 478 42.80 43.67 -38.14
C GLN A 478 43.64 44.37 -39.20
N LYS A 479 43.31 44.09 -40.46
CA LYS A 479 43.96 44.77 -41.58
C LYS A 479 43.92 46.28 -41.40
N GLU A 480 42.79 46.81 -40.95
CA GLU A 480 42.64 48.24 -40.79
C GLU A 480 43.54 48.78 -39.70
N ILE A 481 43.62 48.07 -38.57
CA ILE A 481 44.54 48.48 -37.51
C ILE A 481 45.97 48.50 -38.05
N ASP A 482 46.30 47.56 -38.94
CA ASP A 482 47.59 47.56 -39.58
C ASP A 482 47.80 48.81 -40.42
N ARG A 483 46.82 49.17 -41.24
CA ARG A 483 46.92 50.39 -42.04
C ARG A 483 47.10 51.61 -41.15
N LEU A 484 46.37 51.63 -40.03
CA LEU A 484 46.47 52.72 -39.06
C LEU A 484 47.88 52.84 -38.51
N ASN A 485 48.46 51.71 -38.09
CA ASN A 485 49.81 51.74 -37.55
C ASN A 485 50.83 52.12 -38.63
N GLU A 486 50.61 51.64 -39.85
CA GLU A 486 51.47 51.96 -40.98
C GLU A 486 51.49 53.46 -41.25
N VAL A 487 50.32 54.09 -41.32
CA VAL A 487 50.30 55.54 -41.53
C VAL A 487 50.76 56.30 -40.29
N ALA A 488 50.60 55.70 -39.10
CA ALA A 488 51.17 56.30 -37.89
C ALA A 488 52.68 56.45 -38.02
N LYS A 489 53.36 55.38 -38.43
CA LYS A 489 54.81 55.42 -38.57
C LYS A 489 55.24 56.26 -39.77
N ASN A 490 54.42 56.32 -40.82
CA ASN A 490 54.76 57.18 -41.95
C ASN A 490 54.61 58.65 -41.56
N LEU A 491 53.57 58.97 -40.79
CA LEU A 491 53.40 60.32 -40.31
C LEU A 491 54.53 60.69 -39.36
N ASN A 492 54.97 59.73 -38.53
CA ASN A 492 56.24 59.89 -37.81
C ASN A 492 57.36 60.22 -38.80
N GLU A 493 57.35 59.56 -39.95
CA GLU A 493 58.35 59.83 -40.98
C GLU A 493 58.10 61.16 -41.68
N SER A 494 56.85 61.47 -41.99
CA SER A 494 56.50 62.70 -42.70
C SER A 494 56.14 63.83 -41.73
N LEU A 495 56.72 63.82 -40.55
CA LEU A 495 56.51 64.84 -39.54
C LEU A 495 56.92 66.22 -40.03
N TRP A 510 72.29 89.04 -54.40
CA TRP A 510 72.84 89.06 -55.75
C TRP A 510 72.63 90.40 -56.50
N PRO A 511 71.41 90.95 -56.49
CA PRO A 511 71.23 92.26 -57.14
C PRO A 511 72.06 93.35 -56.48
N TRP A 512 72.09 93.39 -55.16
CA TRP A 512 72.83 94.41 -54.44
C TRP A 512 74.31 94.40 -54.82
N TYR A 513 74.91 93.21 -54.92
CA TYR A 513 76.34 93.12 -55.20
C TYR A 513 76.65 93.64 -56.61
N ILE A 514 75.88 93.20 -57.59
CA ILE A 514 76.11 93.64 -58.98
C ILE A 514 75.89 95.13 -59.11
N TRP A 515 74.84 95.65 -58.47
CA TRP A 515 74.58 97.09 -58.56
C TRP A 515 75.68 97.88 -57.87
N LEU A 516 76.20 97.38 -56.76
CA LEU A 516 77.32 98.04 -56.10
C LEU A 516 78.56 98.05 -56.99
N GLY A 517 78.81 96.94 -57.69
CA GLY A 517 79.92 96.91 -58.63
C GLY A 517 79.73 97.93 -59.75
N PHE A 518 78.50 98.07 -60.25
CA PHE A 518 78.22 99.07 -61.27
C PHE A 518 78.46 100.47 -60.75
N ILE A 519 78.00 100.76 -59.53
CA ILE A 519 78.20 102.07 -58.93
C ILE A 519 79.70 102.34 -58.76
N ALA A 520 80.46 101.33 -58.36
CA ALA A 520 81.90 101.48 -58.20
C ALA A 520 82.56 101.79 -59.54
N GLY A 521 82.14 101.08 -60.59
CA GLY A 521 82.66 101.39 -61.92
C GLY A 521 82.31 102.80 -62.36
N LEU A 522 81.11 103.26 -62.02
CA LEU A 522 80.72 104.63 -62.35
C LEU A 522 81.62 105.63 -61.65
N ILE A 523 81.83 105.45 -60.34
CA ILE A 523 82.73 106.34 -59.60
C ILE A 523 84.14 106.27 -60.17
N ALA A 524 84.59 105.08 -60.57
CA ALA A 524 85.90 104.93 -61.18
C ALA A 524 86.00 105.75 -62.45
N ILE A 525 84.96 105.69 -63.29
CA ILE A 525 84.92 106.48 -64.51
C ILE A 525 84.97 107.96 -64.19
N VAL A 526 84.18 108.40 -63.20
CA VAL A 526 84.20 109.81 -62.83
C VAL A 526 85.61 110.23 -62.41
N MET A 527 86.29 109.36 -61.64
CA MET A 527 87.64 109.67 -61.22
C MET A 527 88.57 109.83 -62.42
N VAL A 528 88.48 108.90 -63.38
CA VAL A 528 89.32 108.99 -64.59
C VAL A 528 89.03 110.28 -65.33
N THR A 529 87.75 110.63 -65.47
CA THR A 529 87.37 111.86 -66.18
C THR A 529 87.94 113.09 -65.49
N ILE A 530 87.89 113.11 -64.16
CA ILE A 530 88.48 114.21 -63.40
C ILE A 530 89.99 114.27 -63.63
N MET A 531 90.65 113.12 -63.62
CA MET A 531 92.10 113.08 -63.85
C MET A 531 92.45 113.65 -65.21
N LEU A 532 91.65 113.34 -66.25
CA LEU A 532 91.88 113.98 -67.53
C LEU A 532 91.39 115.43 -67.48
N ASN B 1 -3.23 -48.50 38.62
CA ASN B 1 -4.20 -48.28 39.68
C ASN B 1 -5.40 -47.48 39.20
N SER B 2 -6.59 -48.06 39.34
CA SER B 2 -7.83 -47.40 38.97
C SER B 2 -8.90 -47.64 40.04
N VAL B 3 -10.16 -47.41 39.69
CA VAL B 3 -11.23 -47.50 40.69
C VAL B 3 -12.43 -48.25 40.11
N ALA B 4 -12.49 -49.56 40.37
CA ALA B 4 -13.60 -50.36 39.87
C ALA B 4 -14.45 -50.95 40.99
N TYR B 5 -13.83 -51.71 41.89
CA TYR B 5 -14.56 -52.49 42.89
C TYR B 5 -14.78 -51.69 44.18
N SER B 6 -14.19 -50.50 44.28
CA SER B 6 -14.27 -49.74 45.52
C SER B 6 -15.67 -49.19 45.68
N ASN B 7 -16.24 -49.37 46.87
CA ASN B 7 -17.58 -48.87 47.16
C ASN B 7 -17.46 -47.56 47.90
N ASN B 8 -17.99 -46.51 47.29
CA ASN B 8 -17.94 -45.18 47.86
C ASN B 8 -19.37 -44.70 48.06
N SER B 9 -19.53 -43.69 48.91
CA SER B 9 -20.86 -43.18 49.21
C SER B 9 -21.36 -42.33 48.05
N ILE B 10 -22.28 -42.90 47.26
CA ILE B 10 -22.92 -42.20 46.15
C ILE B 10 -24.40 -42.09 46.46
N ALA B 11 -24.99 -40.95 46.13
CA ALA B 11 -26.40 -40.70 46.43
C ALA B 11 -27.29 -41.54 45.53
N ILE B 12 -28.24 -42.24 46.16
CA ILE B 12 -29.30 -42.94 45.45
C ILE B 12 -30.61 -42.32 45.92
N PRO B 13 -31.48 -41.89 45.01
CA PRO B 13 -32.70 -41.18 45.41
C PRO B 13 -33.67 -42.02 46.21
N THR B 14 -34.01 -41.54 47.41
CA THR B 14 -35.07 -42.16 48.17
C THR B 14 -36.43 -41.65 47.72
N ASN B 15 -36.46 -40.47 47.09
CA ASN B 15 -37.72 -39.86 46.68
C ASN B 15 -37.49 -38.82 45.59
N PHE B 16 -38.60 -38.28 45.09
CA PHE B 16 -38.59 -37.29 44.02
C PHE B 16 -39.65 -36.22 44.25
N THR B 17 -39.40 -35.04 43.71
CA THR B 17 -40.42 -34.03 43.47
C THR B 17 -40.63 -33.86 41.97
N ILE B 18 -41.89 -33.81 41.58
CA ILE B 18 -42.26 -33.43 40.22
C ILE B 18 -41.71 -32.04 39.94
N SER B 19 -41.37 -31.79 38.68
CA SER B 19 -40.64 -30.60 38.29
C SER B 19 -40.95 -30.27 36.85
N VAL B 20 -40.63 -29.04 36.45
CA VAL B 20 -40.66 -28.66 35.04
C VAL B 20 -39.41 -27.84 34.74
N THR B 21 -38.94 -27.96 33.51
CA THR B 21 -37.77 -27.23 33.05
C THR B 21 -38.10 -26.53 31.74
N THR B 22 -37.80 -25.23 31.68
CA THR B 22 -38.01 -24.42 30.50
C THR B 22 -36.65 -24.22 29.84
N GLU B 23 -36.41 -24.90 28.73
CA GLU B 23 -35.09 -24.96 28.11
C GLU B 23 -35.12 -24.21 26.78
N ILE B 24 -34.29 -23.17 26.68
CA ILE B 24 -34.23 -22.31 25.50
C ILE B 24 -32.99 -22.65 24.71
N LEU B 25 -33.14 -22.82 23.39
CA LEU B 25 -32.03 -23.14 22.50
C LEU B 25 -32.14 -22.27 21.26
N PRO B 26 -31.14 -21.45 20.92
CA PRO B 26 -31.21 -20.69 19.67
C PRO B 26 -30.99 -21.61 18.47
N VAL B 27 -31.87 -21.52 17.49
CA VAL B 27 -31.83 -22.41 16.33
C VAL B 27 -31.45 -21.69 15.04
N SER B 28 -31.58 -20.37 14.97
CA SER B 28 -31.27 -19.63 13.76
C SER B 28 -30.48 -18.39 14.13
N MET B 29 -29.77 -17.85 13.13
CA MET B 29 -28.95 -16.65 13.32
C MET B 29 -29.30 -15.64 12.23
N THR B 30 -29.51 -14.39 12.64
CA THR B 30 -29.72 -13.32 11.68
C THR B 30 -28.48 -13.15 10.81
N LYS B 31 -28.70 -12.90 9.52
CA LYS B 31 -27.61 -12.72 8.56
C LYS B 31 -27.11 -11.29 8.68
N THR B 32 -26.10 -11.11 9.52
CA THR B 32 -25.57 -9.78 9.79
C THR B 32 -24.59 -9.32 8.72
N SER B 33 -25.05 -9.20 7.47
CA SER B 33 -24.20 -8.70 6.40
C SER B 33 -23.69 -7.31 6.75
N VAL B 34 -22.47 -7.01 6.31
CA VAL B 34 -21.73 -5.85 6.79
C VAL B 34 -21.38 -4.94 5.62
N ASP B 35 -21.63 -3.64 5.79
CA ASP B 35 -21.13 -2.65 4.86
C ASP B 35 -19.69 -2.31 5.24
N CYS B 36 -18.76 -2.60 4.33
CA CYS B 36 -17.35 -2.37 4.60
C CYS B 36 -16.95 -0.91 4.46
N THR B 37 -17.69 -0.15 3.66
CA THR B 37 -17.37 1.27 3.48
C THR B 37 -17.53 2.03 4.79
N MET B 38 -18.69 1.88 5.43
CA MET B 38 -18.90 2.50 6.73
C MET B 38 -18.04 1.87 7.82
N TYR B 39 -17.81 0.56 7.74
CA TYR B 39 -17.03 -0.13 8.76
C TYR B 39 -15.58 0.36 8.77
N ILE B 40 -14.89 0.18 7.64
CA ILE B 40 -13.47 0.53 7.55
C ILE B 40 -13.28 2.04 7.52
N CYS B 41 -13.82 2.68 6.48
CA CYS B 41 -13.60 4.09 6.23
C CYS B 41 -14.70 4.98 6.80
N GLY B 42 -15.95 4.62 6.60
CA GLY B 42 -17.02 5.45 7.12
C GLY B 42 -17.23 6.73 6.34
N ASP B 43 -17.18 7.87 7.04
CA ASP B 43 -17.56 9.15 6.44
C ASP B 43 -16.40 9.88 5.77
N SER B 44 -15.16 9.48 6.01
CA SER B 44 -14.01 10.20 5.47
C SER B 44 -13.95 9.96 3.96
N THR B 45 -13.81 11.04 3.19
CA THR B 45 -13.95 10.93 1.74
C THR B 45 -12.79 10.19 1.09
N GLU B 46 -11.55 10.52 1.47
CA GLU B 46 -10.40 9.97 0.76
C GLU B 46 -10.32 8.45 0.90
N CYS B 47 -10.51 7.94 2.12
CA CYS B 47 -10.49 6.49 2.30
C CYS B 47 -11.69 5.82 1.64
N SER B 48 -12.83 6.51 1.57
CA SER B 48 -13.97 5.96 0.84
C SER B 48 -13.64 5.80 -0.64
N ASN B 49 -13.10 6.85 -1.25
CA ASN B 49 -12.69 6.77 -2.64
C ASN B 49 -11.62 5.70 -2.84
N LEU B 50 -10.76 5.50 -1.84
CA LEU B 50 -9.74 4.47 -1.94
C LEU B 50 -10.35 3.07 -1.83
N LEU B 51 -11.39 2.92 -1.02
CA LEU B 51 -12.07 1.63 -0.89
C LEU B 51 -12.60 1.14 -2.24
N LEU B 52 -12.99 2.07 -3.10
CA LEU B 52 -13.46 1.67 -4.42
C LEU B 52 -12.37 0.90 -5.17
N GLN B 53 -11.11 1.26 -4.96
CA GLN B 53 -9.99 0.54 -5.55
C GLN B 53 -9.72 -0.79 -4.86
N TYR B 54 -10.31 -1.05 -3.68
CA TYR B 54 -10.10 -2.32 -2.98
C TYR B 54 -10.98 -3.44 -3.51
N GLY B 55 -11.68 -3.25 -4.62
CA GLY B 55 -12.47 -4.31 -5.21
C GLY B 55 -13.80 -4.53 -4.50
N SER B 56 -14.48 -5.59 -4.91
CA SER B 56 -15.81 -5.94 -4.41
C SER B 56 -15.74 -6.90 -3.23
N PHE B 57 -14.58 -6.99 -2.57
CA PHE B 57 -14.43 -7.85 -1.39
C PHE B 57 -15.58 -7.65 -0.42
N CYS B 58 -16.10 -6.43 -0.37
CA CYS B 58 -17.22 -6.09 0.50
C CYS B 58 -18.35 -7.09 0.32
N THR B 59 -18.91 -7.17 -0.88
CA THR B 59 -19.93 -8.16 -1.16
C THR B 59 -19.42 -9.56 -0.86
N GLN B 60 -18.18 -9.85 -1.27
CA GLN B 60 -17.56 -11.12 -0.96
C GLN B 60 -17.63 -11.43 0.53
N LEU B 61 -17.27 -10.46 1.37
CA LEU B 61 -17.39 -10.69 2.81
C LEU B 61 -18.85 -10.88 3.21
N ASN B 62 -19.74 -10.07 2.63
CA ASN B 62 -21.17 -10.30 2.79
C ASN B 62 -21.58 -11.67 2.29
N ARG B 63 -20.88 -12.19 1.27
CA ARG B 63 -21.15 -13.54 0.80
C ARG B 63 -20.98 -14.56 1.92
N ALA B 64 -20.01 -14.34 2.81
CA ALA B 64 -19.85 -15.23 3.95
C ALA B 64 -21.02 -15.09 4.91
N LEU B 65 -21.38 -13.85 5.25
CA LEU B 65 -22.32 -13.60 6.33
C LEU B 65 -23.77 -13.74 5.87
N THR B 66 -24.06 -13.44 4.60
CA THR B 66 -25.42 -13.62 4.12
C THR B 66 -25.83 -15.09 4.11
N GLY B 67 -24.87 -16.01 3.99
CA GLY B 67 -25.12 -17.40 4.23
C GLY B 67 -24.81 -17.75 5.67
N ILE B 68 -24.07 -18.85 5.88
CA ILE B 68 -23.57 -19.24 7.19
C ILE B 68 -24.63 -19.14 8.29
N THR B 210 67.72 83.73 -52.09
CA THR B 210 66.80 83.74 -50.95
C THR B 210 65.40 83.37 -51.39
N GLN B 211 65.08 83.66 -52.64
CA GLN B 211 63.76 83.31 -53.17
C GLN B 211 63.67 81.81 -53.47
N ASN B 212 64.75 81.24 -54.02
CA ASN B 212 64.72 79.82 -54.37
C ASN B 212 64.60 78.94 -53.12
N VAL B 213 65.34 79.26 -52.07
CA VAL B 213 65.23 78.49 -50.83
C VAL B 213 63.84 78.66 -50.21
N LEU B 214 63.25 79.85 -50.29
CA LEU B 214 61.92 80.03 -49.73
C LEU B 214 60.88 79.24 -50.51
N TYR B 215 61.02 79.20 -51.84
CA TYR B 215 60.14 78.38 -52.67
C TYR B 215 60.31 76.90 -52.38
N GLU B 216 61.55 76.45 -52.16
CA GLU B 216 61.78 75.05 -51.82
C GLU B 216 61.17 74.70 -50.46
N ASN B 217 61.28 75.59 -49.48
CA ASN B 217 60.64 75.36 -48.19
C ASN B 217 59.12 75.36 -48.31
N GLN B 218 58.59 76.20 -49.20
CA GLN B 218 57.15 76.18 -49.46
C GLN B 218 56.70 74.84 -50.02
N LYS B 219 57.42 74.34 -51.03
CA LYS B 219 57.13 73.01 -51.56
C LYS B 219 57.25 71.96 -50.46
N LEU B 220 58.24 72.11 -49.58
CA LEU B 220 58.44 71.16 -48.49
C LEU B 220 57.23 71.10 -47.58
N ILE B 221 56.78 72.27 -47.09
CA ILE B 221 55.64 72.27 -46.17
C ILE B 221 54.39 71.79 -46.87
N ALA B 222 54.24 72.12 -48.16
CA ALA B 222 53.05 71.67 -48.88
C ALA B 222 53.02 70.16 -49.04
N ASN B 223 54.17 69.55 -49.39
CA ASN B 223 54.20 68.11 -49.58
C ASN B 223 54.12 67.36 -48.26
N GLN B 224 54.78 67.87 -47.22
CA GLN B 224 54.62 67.30 -45.89
C GLN B 224 53.15 67.34 -45.48
N PHE B 225 52.49 68.47 -45.69
CA PHE B 225 51.08 68.58 -45.34
C PHE B 225 50.24 67.60 -46.14
N ASN B 226 50.51 67.48 -47.44
CA ASN B 226 49.75 66.58 -48.30
C ASN B 226 49.88 65.13 -47.85
N SER B 227 51.11 64.68 -47.61
CA SER B 227 51.33 63.32 -47.13
C SER B 227 50.68 63.10 -45.77
N ALA B 228 50.74 64.13 -44.92
CA ALA B 228 50.07 64.05 -43.64
C ALA B 228 48.58 63.84 -43.83
N ILE B 229 47.98 64.60 -44.75
CA ILE B 229 46.56 64.45 -45.06
C ILE B 229 46.25 63.03 -45.48
N GLY B 230 47.10 62.44 -46.33
CA GLY B 230 46.86 61.07 -46.76
C GLY B 230 46.86 60.09 -45.61
N LYS B 231 47.85 60.19 -44.72
CA LYS B 231 47.87 59.30 -43.55
C LYS B 231 46.74 59.60 -42.57
N ILE B 232 46.27 60.84 -42.48
CA ILE B 232 45.11 61.12 -41.63
C ILE B 232 43.89 60.43 -42.20
N GLN B 233 43.70 60.53 -43.51
CA GLN B 233 42.56 59.89 -44.16
C GLN B 233 42.60 58.37 -43.99
N ASP B 234 43.80 57.78 -44.07
CA ASP B 234 43.90 56.33 -43.89
C ASP B 234 43.65 55.94 -42.44
N SER B 235 44.21 56.71 -41.49
CA SER B 235 43.92 56.48 -40.08
C SER B 235 42.43 56.53 -39.82
N LEU B 236 41.75 57.49 -40.43
CA LEU B 236 40.32 57.69 -40.31
C LEU B 236 39.55 56.49 -40.85
N SER B 237 39.87 56.06 -42.08
CA SER B 237 39.19 54.91 -42.66
C SER B 237 39.38 53.65 -41.83
N SER B 238 40.62 53.41 -41.38
CA SER B 238 40.92 52.21 -40.62
C SER B 238 40.21 52.22 -39.27
N THR B 239 40.28 53.35 -38.56
CA THR B 239 39.60 53.48 -37.27
C THR B 239 38.10 53.33 -37.44
N ALA B 240 37.54 53.89 -38.51
CA ALA B 240 36.10 53.77 -38.73
C ALA B 240 35.70 52.32 -38.96
N SER B 241 36.46 51.60 -39.79
CA SER B 241 36.15 50.20 -40.05
C SER B 241 36.26 49.36 -38.78
N ALA B 242 37.31 49.56 -38.00
CA ALA B 242 37.49 48.77 -36.77
C ALA B 242 36.40 49.11 -35.75
N LEU B 243 36.05 50.38 -35.64
CA LEU B 243 34.99 50.80 -34.71
C LEU B 243 33.64 50.22 -35.11
N GLY B 244 33.34 50.19 -36.41
CA GLY B 244 32.13 49.54 -36.87
C GLY B 244 32.10 48.04 -36.62
N LYS B 245 33.24 47.36 -36.79
CA LYS B 245 33.27 45.94 -36.46
C LYS B 245 33.06 45.72 -34.96
N LEU B 246 33.58 46.61 -34.12
CA LEU B 246 33.35 46.48 -32.69
C LEU B 246 31.89 46.69 -32.36
N GLN B 247 31.29 47.75 -32.92
CA GLN B 247 29.87 48.01 -32.69
C GLN B 247 29.01 46.85 -33.20
N ASP B 248 29.48 46.14 -34.22
CA ASP B 248 28.78 44.96 -34.70
C ASP B 248 28.86 43.82 -33.69
N VAL B 249 30.07 43.48 -33.25
CA VAL B 249 30.23 42.32 -32.37
C VAL B 249 29.55 42.57 -31.03
N VAL B 250 29.55 43.82 -30.56
CA VAL B 250 28.89 44.11 -29.29
C VAL B 250 27.39 43.90 -29.41
N ASN B 251 26.80 44.39 -30.50
CA ASN B 251 25.37 44.22 -30.70
C ASN B 251 25.03 42.75 -30.92
N GLN B 252 25.94 41.99 -31.51
CA GLN B 252 25.73 40.55 -31.63
C GLN B 252 25.77 39.88 -30.26
N ASN B 253 26.67 40.32 -29.39
CA ASN B 253 26.69 39.82 -28.02
C ASN B 253 25.39 40.15 -27.29
N ALA B 254 24.88 41.37 -27.47
CA ALA B 254 23.61 41.75 -26.87
C ALA B 254 22.45 40.92 -27.41
N GLN B 255 22.47 40.64 -28.72
CA GLN B 255 21.45 39.79 -29.32
C GLN B 255 21.50 38.38 -28.75
N ALA B 256 22.72 37.83 -28.63
CA ALA B 256 22.87 36.51 -28.01
C ALA B 256 22.38 36.52 -26.57
N LEU B 257 22.63 37.61 -25.85
CA LEU B 257 22.11 37.74 -24.49
C LEU B 257 20.58 37.69 -24.47
N ASN B 258 19.93 38.46 -25.35
CA ASN B 258 18.47 38.46 -25.35
C ASN B 258 17.90 37.10 -25.73
N THR B 259 18.50 36.43 -26.72
CA THR B 259 18.00 35.12 -27.13
C THR B 259 18.21 34.09 -26.03
N LEU B 260 19.37 34.13 -25.37
CA LEU B 260 19.63 33.24 -24.25
C LEU B 260 18.64 33.49 -23.12
N VAL B 261 18.33 34.76 -22.85
CA VAL B 261 17.36 35.10 -21.82
C VAL B 261 16.00 34.48 -22.14
N LYS B 262 15.57 34.60 -23.40
CA LYS B 262 14.28 34.04 -23.78
C LYS B 262 14.27 32.52 -23.65
N GLN B 263 15.32 31.87 -24.15
CA GLN B 263 15.37 30.42 -24.10
C GLN B 263 15.42 29.92 -22.65
N LEU B 264 16.17 30.61 -21.80
CA LEU B 264 16.25 30.24 -20.39
C LEU B 264 14.94 30.50 -19.66
N SER B 265 14.20 31.55 -20.04
CA SER B 265 12.90 31.79 -19.41
C SER B 265 11.93 30.67 -19.76
N SER B 266 11.92 30.25 -21.03
CA SER B 266 11.10 29.10 -21.41
C SER B 266 11.52 27.85 -20.64
N ASN B 267 12.83 27.63 -20.53
CA ASN B 267 13.35 26.49 -19.77
C ASN B 267 12.87 26.51 -18.33
N PHE B 268 12.98 27.66 -17.66
CA PHE B 268 12.59 27.79 -16.27
C PHE B 268 11.08 27.63 -16.09
N GLY B 269 10.27 28.11 -17.02
CA GLY B 269 8.84 27.89 -16.93
C GLY B 269 8.48 26.41 -17.03
N ALA B 270 9.07 25.72 -18.01
CA ALA B 270 8.84 24.29 -18.14
C ALA B 270 9.27 23.53 -16.89
N ILE B 271 10.45 23.88 -16.36
CA ILE B 271 10.99 23.18 -15.19
C ILE B 271 10.10 23.41 -13.99
N SER B 272 9.68 24.66 -13.76
CA SER B 272 8.78 24.97 -12.66
C SER B 272 7.51 24.15 -12.77
N SER B 273 6.90 24.13 -13.95
CA SER B 273 5.65 23.39 -14.12
C SER B 273 5.85 21.90 -13.82
N VAL B 274 6.90 21.30 -14.38
CA VAL B 274 7.10 19.86 -14.24
C VAL B 274 7.41 19.49 -12.80
N LEU B 275 8.27 20.25 -12.14
CA LEU B 275 8.62 19.93 -10.76
C LEU B 275 7.49 20.24 -9.80
N ASN B 276 6.66 21.24 -10.11
CA ASN B 276 5.47 21.47 -9.31
C ASN B 276 4.48 20.31 -9.44
N ASP B 277 4.28 19.81 -10.66
CA ASP B 277 3.47 18.62 -10.84
C ASP B 277 4.02 17.48 -10.01
N ILE B 278 5.34 17.29 -10.07
CA ILE B 278 5.99 16.22 -9.33
C ILE B 278 5.73 16.36 -7.83
N LEU B 279 5.98 17.53 -7.27
CA LEU B 279 5.82 17.71 -5.83
C LEU B 279 4.35 17.57 -5.41
N SER B 280 3.43 18.06 -6.23
CA SER B 280 2.02 17.94 -5.88
C SER B 280 1.55 16.49 -5.86
N ARG B 281 1.84 15.73 -6.92
CA ARG B 281 1.48 14.31 -6.91
C ARG B 281 2.29 13.54 -5.86
N LEU B 282 3.50 14.03 -5.55
CA LEU B 282 4.24 13.51 -4.41
C LEU B 282 3.45 13.61 -3.12
N ASP B 283 2.93 14.79 -2.81
CA ASP B 283 2.19 14.95 -1.56
C ASP B 283 0.93 14.10 -1.57
N LYS B 284 0.23 14.06 -2.72
CA LYS B 284 -0.99 13.26 -2.78
C LYS B 284 -0.70 11.78 -2.52
N VAL B 285 0.34 11.25 -3.15
CA VAL B 285 0.71 9.85 -2.96
C VAL B 285 1.14 9.60 -1.52
N GLU B 286 1.89 10.55 -0.93
CA GLU B 286 2.32 10.40 0.45
C GLU B 286 1.14 10.39 1.42
N ALA B 287 0.05 11.09 1.10
CA ALA B 287 -1.14 11.01 1.92
C ALA B 287 -1.89 9.69 1.68
N GLU B 288 -2.07 9.34 0.41
CA GLU B 288 -2.91 8.19 0.06
C GLU B 288 -2.30 6.88 0.54
N VAL B 289 -0.97 6.78 0.56
CA VAL B 289 -0.36 5.55 1.05
C VAL B 289 -0.68 5.33 2.52
N GLN B 290 -0.72 6.39 3.32
CA GLN B 290 -1.09 6.27 4.73
C GLN B 290 -2.58 5.98 4.90
N ILE B 291 -3.42 6.64 4.11
CA ILE B 291 -4.85 6.37 4.16
C ILE B 291 -5.13 4.91 3.81
N ASP B 292 -4.45 4.39 2.79
CA ASP B 292 -4.59 2.99 2.40
C ASP B 292 -4.00 2.05 3.44
N ARG B 293 -2.92 2.48 4.11
CA ARG B 293 -2.36 1.65 5.18
C ARG B 293 -3.36 1.48 6.31
N LEU B 294 -4.05 2.56 6.68
CA LEU B 294 -5.07 2.45 7.72
C LEU B 294 -6.25 1.62 7.22
N ILE B 295 -6.62 1.76 5.95
CA ILE B 295 -7.68 0.91 5.40
C ILE B 295 -7.29 -0.55 5.50
N THR B 296 -6.04 -0.88 5.15
CA THR B 296 -5.57 -2.25 5.20
C THR B 296 -5.56 -2.78 6.63
N GLY B 297 -5.17 -1.94 7.59
CA GLY B 297 -5.21 -2.36 8.98
C GLY B 297 -6.60 -2.55 9.52
N ARG B 298 -7.57 -1.81 8.99
CA ARG B 298 -8.97 -2.01 9.39
C ARG B 298 -9.60 -3.19 8.66
N LEU B 299 -9.04 -3.56 7.50
CA LEU B 299 -9.47 -4.78 6.82
C LEU B 299 -9.27 -5.99 7.72
N GLN B 300 -8.20 -6.00 8.52
CA GLN B 300 -7.98 -7.09 9.46
C GLN B 300 -9.07 -7.15 10.52
N SER B 301 -9.51 -5.99 11.01
CA SER B 301 -10.61 -5.98 11.97
C SER B 301 -11.90 -6.46 11.33
N LEU B 302 -12.18 -6.02 10.10
CA LEU B 302 -13.39 -6.47 9.42
C LEU B 302 -13.35 -7.97 9.15
N GLN B 303 -12.18 -8.51 8.83
CA GLN B 303 -12.07 -9.95 8.58
C GLN B 303 -12.16 -10.74 9.88
N THR B 304 -11.66 -10.20 10.99
CA THR B 304 -11.86 -10.84 12.28
C THR B 304 -13.33 -10.86 12.66
N TYR B 305 -14.03 -9.76 12.38
CA TYR B 305 -15.48 -9.72 12.56
C TYR B 305 -16.16 -10.81 11.73
N VAL B 306 -15.77 -10.92 10.46
CA VAL B 306 -16.37 -11.93 9.58
C VAL B 306 -16.10 -13.33 10.12
N THR B 307 -14.86 -13.59 10.55
CA THR B 307 -14.51 -14.90 11.07
C THR B 307 -15.32 -15.25 12.31
N GLN B 308 -15.43 -14.30 13.25
CA GLN B 308 -16.19 -14.56 14.46
C GLN B 308 -17.67 -14.75 14.15
N GLN B 309 -18.20 -14.05 13.14
CA GLN B 309 -19.59 -14.24 12.76
C GLN B 309 -19.82 -15.60 12.12
N LEU B 310 -18.88 -16.07 11.32
CA LEU B 310 -18.98 -17.42 10.76
C LEU B 310 -18.88 -18.47 11.84
N ILE B 311 -18.01 -18.25 12.83
CA ILE B 311 -17.93 -19.11 14.01
C ILE B 311 -19.28 -19.19 14.70
N ARG B 312 -19.90 -18.01 14.93
CA ARG B 312 -21.17 -17.97 15.62
C ARG B 312 -22.26 -18.70 14.84
N ALA B 313 -22.27 -18.55 13.51
CA ALA B 313 -23.29 -19.24 12.72
C ALA B 313 -23.06 -20.74 12.69
N ALA B 314 -21.79 -21.18 12.68
CA ALA B 314 -21.49 -22.60 12.79
C ALA B 314 -21.89 -23.17 14.14
N GLU B 315 -21.89 -22.34 15.19
CA GLU B 315 -22.44 -22.78 16.47
C GLU B 315 -23.97 -22.77 16.43
N ILE B 316 -24.55 -21.83 15.68
CA ILE B 316 -26.01 -21.74 15.59
C ILE B 316 -26.61 -22.97 14.93
N ARG B 317 -26.00 -23.42 13.83
CA ARG B 317 -26.53 -24.61 13.16
C ARG B 317 -26.40 -25.86 14.02
N ALA B 318 -25.33 -25.97 14.82
CA ALA B 318 -25.22 -27.07 15.76
C ALA B 318 -26.25 -26.99 16.87
N SER B 319 -26.53 -25.78 17.38
CA SER B 319 -27.59 -25.65 18.37
C SER B 319 -28.95 -25.97 17.77
N ALA B 320 -29.14 -25.71 16.49
CA ALA B 320 -30.38 -26.11 15.83
C ALA B 320 -30.48 -27.62 15.70
N ASN B 321 -29.37 -28.31 15.41
CA ASN B 321 -29.41 -29.77 15.38
C ASN B 321 -29.69 -30.35 16.77
N LEU B 322 -29.09 -29.75 17.80
CA LEU B 322 -29.40 -30.15 19.18
C LEU B 322 -30.87 -29.94 19.49
N ALA B 323 -31.43 -28.82 19.02
CA ALA B 323 -32.86 -28.58 19.16
C ALA B 323 -33.67 -29.66 18.47
N ALA B 324 -33.24 -30.08 17.27
CA ALA B 324 -33.95 -31.13 16.55
C ALA B 324 -33.99 -32.43 17.36
N THR B 325 -32.82 -32.86 17.86
CA THR B 325 -32.79 -34.13 18.60
C THR B 325 -33.50 -34.02 19.94
N LYS B 326 -33.44 -32.84 20.57
CA LYS B 326 -34.16 -32.65 21.83
C LYS B 326 -35.67 -32.66 21.62
N MET B 327 -36.14 -32.17 20.47
CA MET B 327 -37.54 -32.33 20.10
C MET B 327 -37.87 -33.80 19.89
N SER B 328 -37.01 -34.50 19.14
CA SER B 328 -37.29 -35.89 18.77
C SER B 328 -37.39 -36.79 20.00
N GLU B 329 -36.32 -36.84 20.80
CA GLU B 329 -36.23 -37.81 21.88
C GLU B 329 -37.15 -37.49 23.06
N CYS B 330 -37.77 -36.31 23.09
CA CYS B 330 -38.46 -35.87 24.30
C CYS B 330 -39.87 -35.36 24.08
N VAL B 331 -40.20 -34.77 22.93
CA VAL B 331 -41.59 -34.41 22.66
C VAL B 331 -42.32 -35.57 22.00
N LEU B 332 -41.66 -36.22 21.05
CA LEU B 332 -42.19 -37.43 20.43
C LEU B 332 -41.98 -38.64 21.33
N GLY B 333 -41.08 -38.54 22.31
CA GLY B 333 -40.82 -39.63 23.22
C GLY B 333 -40.50 -39.18 24.62
N GLN B 334 -39.63 -39.93 25.29
CA GLN B 334 -39.28 -39.65 26.67
C GLN B 334 -37.82 -40.02 26.91
N SER B 335 -37.02 -39.03 27.28
CA SER B 335 -35.59 -39.20 27.44
C SER B 335 -35.27 -40.00 28.70
N LYS B 336 -34.37 -40.97 28.56
CA LYS B 336 -33.93 -41.79 29.67
C LYS B 336 -32.66 -41.27 30.32
N ARG B 337 -32.04 -40.25 29.75
CA ARG B 337 -30.74 -39.77 30.21
C ARG B 337 -30.93 -38.73 31.32
N VAL B 338 -29.91 -38.62 32.17
CA VAL B 338 -29.97 -37.81 33.39
C VAL B 338 -29.80 -36.35 33.00
N ASP B 339 -30.77 -35.52 33.39
CA ASP B 339 -30.85 -34.09 33.18
C ASP B 339 -31.10 -33.74 31.72
N PHE B 340 -31.04 -34.69 30.80
CA PHE B 340 -31.37 -34.42 29.41
C PHE B 340 -32.87 -34.22 29.28
N CYS B 341 -33.25 -33.13 28.61
CA CYS B 341 -34.65 -32.72 28.48
C CYS B 341 -35.28 -32.52 29.86
N GLY B 342 -34.79 -31.51 30.54
CA GLY B 342 -35.35 -31.17 31.85
C GLY B 342 -34.53 -31.74 32.99
N LYS B 343 -34.35 -30.91 34.02
CA LYS B 343 -33.59 -31.34 35.19
C LYS B 343 -34.29 -32.51 35.86
N GLY B 344 -33.48 -33.45 36.37
CA GLY B 344 -34.04 -34.67 36.91
C GLY B 344 -34.18 -35.70 35.82
N TYR B 345 -35.31 -36.40 35.79
CA TYR B 345 -35.56 -37.45 34.81
C TYR B 345 -36.81 -37.10 34.02
N HIS B 346 -36.69 -37.18 32.69
CA HIS B 346 -37.70 -36.66 31.79
C HIS B 346 -38.98 -37.51 31.83
N LEU B 347 -40.11 -36.84 32.00
CA LEU B 347 -41.43 -37.47 31.93
C LEU B 347 -42.14 -37.14 30.63
N MET B 348 -42.06 -35.88 30.20
CA MET B 348 -42.74 -35.42 29.00
C MET B 348 -42.11 -34.10 28.57
N SER B 349 -42.29 -33.76 27.31
CA SER B 349 -41.79 -32.48 26.81
C SER B 349 -42.83 -31.85 25.90
N PHE B 350 -42.78 -30.53 25.85
CA PHE B 350 -43.70 -29.75 25.04
C PHE B 350 -42.90 -28.66 24.32
N PRO B 351 -42.90 -28.67 22.99
CA PRO B 351 -42.08 -27.73 22.24
C PRO B 351 -42.83 -26.44 21.92
N GLN B 352 -42.07 -25.35 21.83
CA GLN B 352 -42.62 -24.06 21.44
C GLN B 352 -41.54 -23.29 20.68
N SER B 353 -41.96 -22.46 19.75
CA SER B 353 -41.00 -21.74 18.91
C SER B 353 -40.56 -20.44 19.58
N ALA B 354 -39.53 -19.83 19.01
CA ALA B 354 -38.96 -18.57 19.46
C ALA B 354 -38.31 -17.90 18.24
N PRO B 355 -38.19 -16.56 18.24
CA PRO B 355 -37.80 -15.86 16.99
C PRO B 355 -36.60 -16.47 16.28
N HIS B 356 -35.65 -17.04 17.01
CA HIS B 356 -34.54 -17.78 16.42
C HIS B 356 -34.21 -19.02 17.23
N GLY B 357 -35.20 -19.58 17.93
CA GLY B 357 -34.92 -20.70 18.80
C GLY B 357 -36.13 -21.58 19.02
N VAL B 358 -35.94 -22.57 19.89
CA VAL B 358 -37.01 -23.43 20.38
C VAL B 358 -36.87 -23.55 21.89
N VAL B 359 -38.01 -23.61 22.57
CA VAL B 359 -38.05 -23.80 24.02
C VAL B 359 -38.84 -25.06 24.30
N PHE B 360 -38.31 -25.92 25.15
CA PHE B 360 -39.01 -27.12 25.57
C PHE B 360 -39.40 -26.99 27.04
N LEU B 361 -40.69 -27.20 27.31
CA LEU B 361 -41.18 -27.39 28.67
C LEU B 361 -41.16 -28.88 28.95
N HIS B 362 -40.13 -29.32 29.67
CA HIS B 362 -40.02 -30.72 30.08
C HIS B 362 -40.62 -30.87 31.46
N VAL B 363 -41.69 -31.63 31.57
CA VAL B 363 -42.14 -32.11 32.86
C VAL B 363 -41.24 -33.28 33.20
N THR B 364 -40.54 -33.17 34.32
CA THR B 364 -39.55 -34.14 34.75
C THR B 364 -39.75 -34.36 36.23
N TYR B 365 -38.89 -35.15 36.84
CA TYR B 365 -38.84 -35.24 38.29
C TYR B 365 -37.41 -35.15 38.78
N VAL B 366 -37.18 -34.25 39.72
CA VAL B 366 -35.88 -34.09 40.37
C VAL B 366 -35.93 -34.94 41.64
N PRO B 367 -34.80 -35.41 42.15
CA PRO B 367 -34.84 -36.18 43.40
C PRO B 367 -35.09 -35.31 44.63
N ALA B 368 -36.28 -35.41 45.23
CA ALA B 368 -36.58 -34.64 46.43
C ALA B 368 -35.63 -35.00 47.56
N GLN B 369 -35.43 -36.29 47.79
CA GLN B 369 -34.52 -36.78 48.82
C GLN B 369 -33.66 -37.89 48.23
N GLU B 370 -32.42 -37.95 48.67
CA GLU B 370 -31.52 -39.03 48.26
C GLU B 370 -30.59 -39.31 49.42
N LYS B 371 -30.14 -40.56 49.50
CA LYS B 371 -29.29 -41.01 50.58
C LYS B 371 -27.98 -41.55 50.02
N ASN B 372 -26.88 -41.23 50.67
CA ASN B 372 -25.56 -41.65 50.19
C ASN B 372 -25.30 -43.08 50.65
N PHE B 373 -25.40 -44.03 49.73
CA PHE B 373 -25.10 -45.42 50.02
C PHE B 373 -23.73 -45.76 49.45
N THR B 374 -22.95 -46.52 50.22
CA THR B 374 -21.73 -47.07 49.66
C THR B 374 -22.07 -48.06 48.56
N THR B 375 -21.42 -47.88 47.42
CA THR B 375 -21.78 -48.60 46.21
C THR B 375 -20.50 -49.01 45.51
N ALA B 376 -20.52 -50.21 44.94
CA ALA B 376 -19.44 -50.73 44.13
C ALA B 376 -20.00 -51.16 42.78
N PRO B 377 -19.48 -50.60 41.69
CA PRO B 377 -20.02 -50.95 40.37
C PRO B 377 -19.87 -52.43 40.04
N ALA B 378 -19.00 -53.13 40.77
CA ALA B 378 -18.87 -54.57 40.70
C ALA B 378 -18.23 -55.05 41.99
N ILE B 379 -18.53 -56.28 42.36
CA ILE B 379 -17.87 -56.95 43.47
C ILE B 379 -17.34 -58.28 42.98
N CYS B 380 -16.11 -58.61 43.35
CA CYS B 380 -15.42 -59.78 42.82
C CYS B 380 -15.48 -60.89 43.86
N HIS B 381 -16.41 -61.82 43.67
CA HIS B 381 -16.50 -63.00 44.52
C HIS B 381 -15.61 -64.09 43.97
N ASP B 382 -14.61 -64.50 44.77
CA ASP B 382 -13.66 -65.56 44.45
C ASP B 382 -13.17 -65.53 43.01
N GLY B 383 -12.73 -64.35 42.55
CA GLY B 383 -12.16 -64.22 41.22
C GLY B 383 -13.15 -64.03 40.10
N LYS B 384 -14.45 -64.01 40.41
CA LYS B 384 -15.49 -63.80 39.42
C LYS B 384 -16.19 -62.49 39.72
N ALA B 385 -16.14 -61.57 38.76
CA ALA B 385 -16.71 -60.26 38.96
C ALA B 385 -18.22 -60.31 38.71
N HIS B 386 -19.00 -60.15 39.79
CA HIS B 386 -20.43 -59.98 39.66
C HIS B 386 -20.71 -58.49 39.76
N PHE B 387 -21.27 -57.95 38.69
CA PHE B 387 -21.55 -56.52 38.58
C PHE B 387 -23.03 -56.39 38.27
N PRO B 388 -23.72 -55.45 38.91
CA PRO B 388 -25.18 -55.39 38.77
C PRO B 388 -25.61 -55.21 37.33
N ARG B 389 -26.79 -55.76 37.03
CA ARG B 389 -27.40 -55.68 35.71
C ARG B 389 -28.39 -54.52 35.73
N GLU B 390 -28.00 -53.39 35.17
CA GLU B 390 -28.85 -52.19 35.12
C GLU B 390 -29.19 -51.71 36.53
N GLY B 391 -28.17 -51.69 37.38
CA GLY B 391 -28.34 -51.22 38.74
C GLY B 391 -26.98 -51.05 39.38
N VAL B 392 -27.00 -50.72 40.67
CA VAL B 392 -25.76 -50.51 41.40
C VAL B 392 -25.80 -51.31 42.70
N PHE B 393 -24.62 -51.78 43.10
CA PHE B 393 -24.48 -52.50 44.36
C PHE B 393 -24.55 -51.57 45.55
N VAL B 394 -25.76 -51.18 45.96
CA VAL B 394 -25.91 -50.53 47.24
C VAL B 394 -25.44 -51.49 48.31
N SER B 395 -24.46 -51.07 49.10
CA SER B 395 -23.90 -51.93 50.14
C SER B 395 -24.72 -51.72 51.39
N ASN B 396 -25.61 -52.67 51.66
CA ASN B 396 -26.31 -52.73 52.94
C ASN B 396 -25.30 -53.01 54.05
N GLY B 397 -25.81 -53.05 55.28
CA GLY B 397 -24.95 -53.34 56.43
C GLY B 397 -24.13 -54.60 56.26
N THR B 398 -24.64 -55.58 55.52
CA THR B 398 -23.92 -56.83 55.29
C THR B 398 -23.98 -57.30 53.84
N HIS B 399 -24.94 -56.85 53.05
CA HIS B 399 -25.19 -57.43 51.75
C HIS B 399 -25.09 -56.36 50.68
N TRP B 400 -24.89 -56.82 49.45
CA TRP B 400 -24.95 -55.97 48.27
C TRP B 400 -26.31 -56.17 47.62
N PHE B 401 -26.99 -55.07 47.33
CA PHE B 401 -28.24 -55.13 46.59
C PHE B 401 -28.05 -54.44 45.26
N VAL B 402 -28.71 -54.96 44.23
CA VAL B 402 -28.74 -54.30 42.94
C VAL B 402 -29.91 -53.33 42.96
N THR B 403 -29.67 -52.14 43.51
CA THR B 403 -30.70 -51.12 43.56
C THR B 403 -30.75 -50.34 42.26
N GLN B 404 -31.90 -49.72 42.03
CA GLN B 404 -32.07 -48.80 40.92
C GLN B 404 -31.12 -47.61 41.10
N ARG B 405 -30.39 -47.26 40.04
CA ARG B 405 -29.46 -46.13 40.13
C ARG B 405 -30.18 -44.84 40.50
N ASN B 406 -31.34 -44.61 39.89
CA ASN B 406 -32.06 -43.35 40.06
C ASN B 406 -33.11 -43.40 41.18
N PHE B 407 -33.14 -44.47 41.96
CA PHE B 407 -34.06 -44.52 43.09
C PHE B 407 -33.58 -45.57 44.08
N TYR B 408 -33.65 -45.23 45.37
CA TYR B 408 -33.23 -46.17 46.41
C TYR B 408 -34.26 -47.29 46.47
N GLU B 409 -33.92 -48.40 45.81
CA GLU B 409 -34.81 -49.57 45.77
C GLU B 409 -33.91 -50.80 45.78
N PRO B 410 -33.40 -51.16 46.95
CA PRO B 410 -32.38 -52.22 47.01
C PRO B 410 -32.96 -53.57 46.63
N GLN B 411 -32.22 -54.30 45.80
CA GLN B 411 -32.64 -55.61 45.31
C GLN B 411 -31.43 -56.54 45.29
N ILE B 412 -31.60 -57.72 45.90
CA ILE B 412 -30.48 -58.62 46.22
C ILE B 412 -29.70 -58.98 44.96
N ILE B 413 -28.40 -59.25 45.14
CA ILE B 413 -27.56 -59.77 44.06
C ILE B 413 -28.21 -61.02 43.48
N THR B 414 -28.44 -61.02 42.17
CA THR B 414 -28.77 -62.24 41.46
C THR B 414 -27.98 -62.25 40.16
N THR B 415 -27.81 -63.44 39.58
CA THR B 415 -27.21 -63.52 38.26
C THR B 415 -28.11 -62.92 37.20
N ASP B 416 -29.40 -62.73 37.51
CA ASP B 416 -30.27 -61.88 36.73
C ASP B 416 -30.18 -60.42 37.13
N ASN B 417 -29.76 -60.14 38.37
CA ASN B 417 -29.44 -58.79 38.80
C ASN B 417 -27.99 -58.41 38.55
N THR B 418 -27.12 -59.40 38.36
CA THR B 418 -25.71 -59.15 38.11
C THR B 418 -25.23 -60.05 37.00
N PHE B 419 -24.48 -59.47 36.07
CA PHE B 419 -23.69 -60.27 35.17
C PHE B 419 -22.46 -60.77 35.90
N VAL B 420 -21.96 -61.91 35.44
CA VAL B 420 -20.83 -62.58 36.06
C VAL B 420 -19.67 -62.55 35.08
N SER B 421 -18.48 -62.37 35.61
CA SER B 421 -17.27 -62.27 34.79
C SER B 421 -16.33 -63.40 35.18
N GLY B 422 -15.13 -63.37 34.61
CA GLY B 422 -14.13 -64.37 34.90
C GLY B 422 -12.76 -63.76 35.08
N ASN B 423 -11.95 -64.36 35.94
CA ASN B 423 -10.57 -63.99 36.24
C ASN B 423 -10.47 -62.72 37.08
N CYS B 424 -11.59 -62.07 37.42
CA CYS B 424 -11.60 -60.87 38.24
C CYS B 424 -10.81 -59.73 37.58
N ASP B 425 -10.71 -59.75 36.26
CA ASP B 425 -9.87 -58.83 35.52
C ASP B 425 -10.67 -57.61 35.06
N VAL B 426 -10.14 -56.42 35.34
CA VAL B 426 -10.76 -55.17 34.95
C VAL B 426 -10.02 -54.60 33.75
N VAL B 427 -10.74 -54.38 32.65
CA VAL B 427 -10.12 -53.80 31.47
C VAL B 427 -10.02 -52.29 31.65
N ILE B 428 -8.82 -51.75 31.49
CA ILE B 428 -8.56 -50.33 31.72
C ILE B 428 -8.53 -49.64 30.37
N GLY B 429 -9.40 -48.66 30.18
CA GLY B 429 -9.50 -47.91 28.94
C GLY B 429 -9.00 -46.49 29.13
N ILE B 430 -8.38 -45.95 28.08
CA ILE B 430 -7.92 -44.57 28.06
C ILE B 430 -8.50 -43.89 26.82
N VAL B 431 -9.13 -42.74 27.02
CA VAL B 431 -9.74 -41.97 25.94
C VAL B 431 -9.38 -40.51 26.13
N ASN B 432 -8.91 -39.87 25.06
CA ASN B 432 -8.62 -38.45 25.05
C ASN B 432 -9.26 -37.86 23.80
N ASN B 433 -10.34 -37.11 23.99
CA ASN B 433 -11.03 -36.46 22.86
C ASN B 433 -10.25 -35.19 22.52
N THR B 434 -9.13 -35.39 21.84
CA THR B 434 -8.26 -34.29 21.46
C THR B 434 -8.92 -33.47 20.36
N VAL B 435 -9.47 -32.31 20.74
CA VAL B 435 -10.01 -31.39 19.75
C VAL B 435 -8.90 -30.95 18.82
N TYR B 436 -9.25 -30.70 17.56
CA TYR B 436 -8.25 -30.48 16.53
C TYR B 436 -7.48 -29.19 16.79
N ASP B 437 -6.15 -29.31 16.81
CA ASP B 437 -5.28 -28.14 16.94
C ASP B 437 -4.79 -27.76 15.56
N PRO B 438 -5.21 -26.61 15.02
CA PRO B 438 -4.92 -26.30 13.61
C PRO B 438 -3.46 -25.90 13.39
N LEU B 439 -3.02 -26.10 12.16
CA LEU B 439 -1.68 -25.71 11.74
C LEU B 439 -1.59 -24.20 11.61
N GLN B 440 -1.11 -23.53 12.65
CA GLN B 440 -1.09 -22.08 12.63
C GLN B 440 0.00 -21.55 11.70
N PRO B 441 -0.27 -20.48 10.97
CA PRO B 441 0.64 -19.94 9.94
C PRO B 441 1.84 -19.19 10.49
N GLU B 442 2.88 -19.95 10.83
CA GLU B 442 4.12 -19.35 11.33
C GLU B 442 4.89 -18.67 10.20
N LEU B 443 5.42 -17.48 10.49
CA LEU B 443 6.15 -16.68 9.52
C LEU B 443 7.59 -16.51 9.94
N ASP B 444 8.44 -16.19 8.96
CA ASP B 444 9.79 -15.74 9.23
C ASP B 444 9.75 -14.37 9.90
N SER B 445 10.92 -13.92 10.36
CA SER B 445 11.04 -12.54 10.80
C SER B 445 10.96 -11.61 9.60
N PHE B 446 10.58 -10.35 9.86
CA PHE B 446 10.29 -9.43 8.76
C PHE B 446 11.50 -9.17 7.89
N LYS B 447 12.71 -9.20 8.48
CA LYS B 447 13.89 -8.88 7.71
C LYS B 447 14.16 -9.91 6.61
N GLU B 448 13.97 -11.19 6.93
CA GLU B 448 14.24 -12.24 5.94
C GLU B 448 13.22 -12.22 4.82
N GLU B 449 11.93 -12.09 5.16
CA GLU B 449 10.90 -12.01 4.12
C GLU B 449 10.93 -10.69 3.38
N LEU B 450 11.58 -9.67 3.95
CA LEU B 450 11.69 -8.36 3.31
C LEU B 450 12.85 -8.35 2.32
N ASP B 451 14.08 -8.51 2.82
CA ASP B 451 15.26 -8.51 1.97
C ASP B 451 15.20 -9.62 0.92
N LYS B 452 14.27 -10.58 1.07
CA LYS B 452 14.03 -11.55 0.01
C LYS B 452 13.65 -10.87 -1.30
N TYR B 453 12.88 -9.78 -1.22
CA TYR B 453 12.44 -9.07 -2.42
C TYR B 453 12.71 -7.57 -2.31
N PHE B 454 12.85 -7.07 -1.09
CA PHE B 454 13.05 -5.64 -0.89
C PHE B 454 14.39 -5.20 -1.47
N LYS B 455 14.34 -4.21 -2.35
CA LYS B 455 15.53 -3.60 -2.92
C LYS B 455 15.66 -2.21 -2.33
N ASN B 456 16.83 -1.92 -1.77
CA ASN B 456 17.00 -0.70 -0.99
C ASN B 456 17.57 0.42 -1.85
N HIS B 457 16.95 0.63 -3.00
CA HIS B 457 17.44 1.58 -3.98
C HIS B 457 17.34 3.01 -3.47
N THR B 458 18.45 3.72 -3.49
CA THR B 458 18.52 5.11 -3.09
C THR B 458 19.04 5.94 -4.25
N SER B 459 18.23 6.88 -4.71
CA SER B 459 18.63 7.71 -5.83
C SER B 459 19.64 8.76 -5.37
N PRO B 460 20.57 9.15 -6.24
CA PRO B 460 21.69 9.97 -5.80
C PRO B 460 21.33 11.45 -5.70
N ASP B 461 22.17 12.15 -4.94
CA ASP B 461 22.14 13.61 -4.88
C ASP B 461 22.44 14.20 -6.25
N VAL B 462 21.60 15.14 -6.67
CA VAL B 462 21.80 15.79 -7.95
C VAL B 462 22.98 16.75 -7.83
N ASP B 463 23.87 16.71 -8.81
CA ASP B 463 24.91 17.71 -8.99
C ASP B 463 24.86 18.21 -10.42
N LEU B 464 24.82 19.52 -10.59
CA LEU B 464 24.68 20.14 -11.90
C LEU B 464 25.68 21.28 -12.00
N GLY B 465 25.95 21.70 -13.23
CA GLY B 465 27.01 22.64 -13.53
C GLY B 465 27.03 23.91 -12.73
N ASP B 466 28.22 24.29 -12.25
CA ASP B 466 28.42 25.47 -11.40
C ASP B 466 28.91 26.63 -12.26
N ILE B 467 27.96 27.38 -12.81
CA ILE B 467 28.27 28.53 -13.65
C ILE B 467 28.98 29.65 -12.91
N SER B 468 29.16 29.52 -11.60
CA SER B 468 29.85 30.54 -10.82
C SER B 468 31.33 30.65 -11.18
N GLY B 469 31.89 29.70 -11.92
CA GLY B 469 33.29 29.68 -12.24
C GLY B 469 33.65 30.24 -13.60
N ILE B 470 32.79 31.08 -14.18
CA ILE B 470 32.97 31.53 -15.56
C ILE B 470 33.57 32.94 -15.60
N ASN B 471 34.30 33.33 -14.57
CA ASN B 471 35.05 34.57 -14.76
C ASN B 471 36.39 34.19 -15.45
N GLN B 478 41.63 54.38 -20.00
CA GLN B 478 41.04 55.72 -20.01
C GLN B 478 42.12 56.77 -20.18
N LYS B 479 43.34 56.42 -19.77
CA LYS B 479 44.50 57.30 -19.97
C LYS B 479 44.61 57.72 -21.43
N GLU B 480 44.38 56.79 -22.35
CA GLU B 480 44.51 57.09 -23.76
C GLU B 480 43.44 58.07 -24.23
N ILE B 481 42.20 57.88 -23.79
CA ILE B 481 41.16 58.84 -24.11
C ILE B 481 41.53 60.23 -23.60
N ASP B 482 42.19 60.27 -22.44
CA ASP B 482 42.69 61.54 -21.92
C ASP B 482 43.72 62.16 -22.85
N ARG B 483 44.69 61.36 -23.30
CA ARG B 483 45.69 61.87 -24.24
C ARG B 483 45.03 62.39 -25.51
N LEU B 484 44.02 61.66 -25.98
CA LEU B 484 43.26 62.04 -27.16
C LEU B 484 42.60 63.40 -26.98
N ASN B 485 41.93 63.58 -25.85
CA ASN B 485 41.26 64.86 -25.59
C ASN B 485 42.27 65.99 -25.40
N GLU B 486 43.41 65.67 -24.77
CA GLU B 486 44.48 66.64 -24.58
C GLU B 486 45.02 67.14 -25.92
N VAL B 487 45.33 66.21 -26.84
CA VAL B 487 45.81 66.65 -28.14
C VAL B 487 44.69 67.27 -28.97
N ALA B 488 43.43 66.90 -28.71
CA ALA B 488 42.31 67.57 -29.35
C ALA B 488 42.31 69.06 -29.04
N LYS B 489 42.44 69.39 -27.74
CA LYS B 489 42.44 70.78 -27.32
C LYS B 489 43.72 71.50 -27.73
N ASN B 490 44.84 70.78 -27.80
CA ASN B 490 46.07 71.42 -28.27
C ASN B 490 45.98 71.72 -29.75
N LEU B 491 45.39 70.80 -30.53
CA LEU B 491 45.19 71.04 -31.94
C LEU B 491 44.22 72.19 -32.15
N ASN B 492 43.19 72.28 -31.30
CA ASN B 492 42.39 73.50 -31.23
C ASN B 492 43.29 74.70 -30.99
N GLU B 493 44.30 74.53 -30.14
CA GLU B 493 45.25 75.62 -29.88
C GLU B 493 46.21 75.82 -31.04
N SER B 494 46.71 74.73 -31.64
CA SER B 494 47.66 74.82 -32.75
C SER B 494 46.96 74.78 -34.10
N LEU B 495 45.75 75.29 -34.16
CA LEU B 495 44.98 75.36 -35.39
C LEU B 495 45.69 76.20 -36.46
N TRP B 510 62.41 98.45 -50.17
CA TRP B 510 63.69 99.04 -49.74
C TRP B 510 64.68 99.28 -50.88
N PRO B 511 64.90 98.30 -51.76
CA PRO B 511 65.80 98.56 -52.90
C PRO B 511 65.28 99.66 -53.81
N TRP B 512 63.98 99.64 -54.11
CA TRP B 512 63.41 100.64 -55.01
C TRP B 512 63.63 102.06 -54.48
N TYR B 513 63.42 102.26 -53.17
CA TYR B 513 63.55 103.60 -52.61
C TYR B 513 64.99 104.11 -52.70
N ILE B 514 65.96 103.28 -52.31
CA ILE B 514 67.36 103.69 -52.36
C ILE B 514 67.79 103.95 -53.79
N TRP B 515 67.37 103.09 -54.72
CA TRP B 515 67.75 103.28 -56.12
C TRP B 515 67.12 104.56 -56.68
N LEU B 516 65.88 104.85 -56.28
CA LEU B 516 65.24 106.09 -56.71
C LEU B 516 65.99 107.30 -56.17
N GLY B 517 66.44 107.23 -54.91
CA GLY B 517 67.24 108.30 -54.37
C GLY B 517 68.55 108.50 -55.13
N PHE B 518 69.18 107.39 -55.51
CA PHE B 518 70.40 107.47 -56.31
C PHE B 518 70.13 108.11 -57.67
N ILE B 519 69.04 107.71 -58.32
CA ILE B 519 68.67 108.29 -59.61
C ILE B 519 68.42 109.79 -59.46
N ALA B 520 67.74 110.18 -58.38
CA ALA B 520 67.48 111.59 -58.13
C ALA B 520 68.77 112.37 -57.93
N GLY B 521 69.71 111.79 -57.17
CA GLY B 521 71.02 112.43 -57.03
C GLY B 521 71.74 112.57 -58.36
N LEU B 522 71.63 111.55 -59.21
CA LEU B 522 72.24 111.62 -60.54
C LEU B 522 71.65 112.76 -61.35
N ILE B 523 70.32 112.85 -61.39
CA ILE B 523 69.67 113.94 -62.11
C ILE B 523 70.07 115.28 -61.51
N ALA B 524 70.19 115.35 -60.18
CA ALA B 524 70.61 116.59 -59.53
C ALA B 524 72.01 116.98 -59.99
N ILE B 525 72.92 116.01 -60.07
CA ILE B 525 74.27 116.26 -60.56
C ILE B 525 74.23 116.76 -62.00
N VAL B 526 73.42 116.11 -62.84
CA VAL B 526 73.32 116.55 -64.24
C VAL B 526 72.85 117.99 -64.29
N MET B 527 71.86 118.34 -63.46
CA MET B 527 71.37 119.71 -63.42
C MET B 527 72.49 120.69 -63.04
N VAL B 528 73.25 120.35 -62.00
CA VAL B 528 74.36 121.22 -61.59
C VAL B 528 75.37 121.38 -62.72
N THR B 529 75.70 120.28 -63.39
CA THR B 529 76.65 120.33 -64.50
C THR B 529 76.16 121.22 -65.63
N ILE B 530 74.86 121.14 -65.95
CA ILE B 530 74.27 122.01 -66.95
C ILE B 530 74.35 123.46 -66.51
N MET B 531 74.05 123.74 -65.24
CA MET B 531 74.12 125.10 -64.74
C MET B 531 75.54 125.67 -64.87
N LEU B 532 76.56 124.86 -64.61
CA LEU B 532 77.91 125.32 -64.87
C LEU B 532 78.18 125.31 -66.37
N ASN C 1 -46.47 -19.64 36.17
CA ASN C 1 -47.36 -20.54 35.46
C ASN C 1 -46.62 -21.42 34.46
N SER C 2 -46.74 -22.73 34.62
CA SER C 2 -46.13 -23.69 33.71
C SER C 2 -47.11 -24.82 33.41
N VAL C 3 -46.61 -25.93 32.89
CA VAL C 3 -47.49 -27.01 32.44
C VAL C 3 -46.94 -28.36 32.92
N ALA C 4 -47.43 -28.84 34.06
CA ALA C 4 -46.98 -30.13 34.58
C ALA C 4 -48.10 -31.16 34.65
N TYR C 5 -49.18 -30.84 35.36
CA TYR C 5 -50.23 -31.81 35.64
C TYR C 5 -51.31 -31.82 34.58
N SER C 6 -51.26 -30.90 33.62
CA SER C 6 -52.31 -30.79 32.63
C SER C 6 -52.23 -31.95 31.66
N ASN C 7 -53.37 -32.60 31.42
CA ASN C 7 -53.42 -33.72 30.50
C ASN C 7 -53.91 -33.23 29.15
N ASN C 8 -53.07 -33.39 28.14
CA ASN C 8 -53.38 -32.95 26.79
C ASN C 8 -53.35 -34.17 25.88
N SER C 9 -53.97 -34.04 24.72
CA SER C 9 -54.03 -35.15 23.78
C SER C 9 -52.68 -35.33 23.09
N ILE C 10 -51.92 -36.33 23.51
CA ILE C 10 -50.65 -36.68 22.90
C ILE C 10 -50.79 -38.07 22.30
N ALA C 11 -50.18 -38.26 21.13
CA ALA C 11 -50.29 -39.54 20.42
C ALA C 11 -49.48 -40.62 21.13
N ILE C 12 -50.12 -41.75 21.37
CA ILE C 12 -49.46 -42.96 21.86
C ILE C 12 -49.67 -44.02 20.79
N PRO C 13 -48.61 -44.68 20.32
CA PRO C 13 -48.73 -45.63 19.21
C PRO C 13 -49.59 -46.84 19.54
N THR C 14 -50.63 -47.05 18.74
CA THR C 14 -51.39 -48.29 18.85
C THR C 14 -50.71 -49.41 18.06
N ASN C 15 -49.87 -49.05 17.09
CA ASN C 15 -49.23 -50.04 16.22
C ASN C 15 -47.99 -49.45 15.56
N PHE C 16 -47.29 -50.32 14.83
CA PHE C 16 -46.06 -49.96 14.13
C PHE C 16 -45.98 -50.66 12.78
N THR C 17 -45.25 -50.03 11.87
CA THR C 17 -44.73 -50.67 10.67
C THR C 17 -43.21 -50.76 10.76
N ILE C 18 -42.68 -51.93 10.43
CA ILE C 18 -41.25 -52.10 10.24
C ILE C 18 -40.78 -51.14 9.17
N SER C 19 -39.52 -50.69 9.30
CA SER C 19 -39.00 -49.61 8.49
C SER C 19 -37.49 -49.74 8.39
N VAL C 20 -36.91 -49.05 7.43
CA VAL C 20 -35.46 -48.90 7.35
C VAL C 20 -35.14 -47.45 7.02
N THR C 21 -34.01 -46.98 7.54
CA THR C 21 -33.54 -45.64 7.30
C THR C 21 -32.09 -45.67 6.82
N THR C 22 -31.84 -44.99 5.71
CA THR C 22 -30.50 -44.89 5.14
C THR C 22 -29.96 -43.50 5.49
N GLU C 23 -29.02 -43.45 6.43
CA GLU C 23 -28.56 -42.20 7.01
C GLU C 23 -27.12 -41.93 6.58
N ILE C 24 -26.91 -40.83 5.87
CA ILE C 24 -25.61 -40.46 5.34
C ILE C 24 -25.02 -39.34 6.19
N LEU C 25 -23.75 -39.49 6.58
CA LEU C 25 -23.05 -38.51 7.39
C LEU C 25 -21.66 -38.28 6.81
N PRO C 26 -21.28 -37.07 6.41
CA PRO C 26 -19.90 -36.84 5.95
C PRO C 26 -18.93 -36.87 7.11
N VAL C 27 -17.86 -37.65 6.97
CA VAL C 27 -16.91 -37.85 8.06
C VAL C 27 -15.55 -37.22 7.77
N SER C 28 -15.22 -36.92 6.51
CA SER C 28 -13.93 -36.35 6.17
C SER C 28 -14.13 -35.23 5.16
N MET C 29 -13.14 -34.34 5.09
CA MET C 29 -13.17 -33.21 4.17
C MET C 29 -11.89 -33.18 3.35
N THR C 30 -12.03 -33.01 2.04
CA THR C 30 -10.87 -32.84 1.18
C THR C 30 -10.12 -31.57 1.57
N LYS C 31 -8.78 -31.66 1.54
CA LYS C 31 -7.93 -30.53 1.90
C LYS C 31 -7.83 -29.61 0.70
N THR C 32 -8.71 -28.62 0.65
CA THR C 32 -8.79 -27.72 -0.50
C THR C 32 -7.75 -26.60 -0.40
N SER C 33 -6.47 -26.95 -0.39
CA SER C 33 -5.41 -25.95 -0.39
C SER C 33 -5.55 -25.05 -1.60
N VAL C 34 -5.18 -23.78 -1.42
CA VAL C 34 -5.51 -22.73 -2.40
C VAL C 34 -4.23 -22.08 -2.90
N ASP C 35 -4.12 -21.92 -4.21
CA ASP C 35 -3.08 -21.10 -4.80
C ASP C 35 -3.54 -19.64 -4.76
N CYS C 36 -2.80 -18.81 -4.03
CA CYS C 36 -3.16 -17.41 -3.88
C CYS C 36 -2.78 -16.57 -5.10
N THR C 37 -1.79 -17.01 -5.87
CA THR C 37 -1.39 -16.26 -7.05
C THR C 37 -2.51 -16.22 -8.08
N MET C 38 -3.05 -17.40 -8.41
CA MET C 38 -4.18 -17.46 -9.33
C MET C 38 -5.44 -16.88 -8.71
N TYR C 39 -5.64 -17.06 -7.40
CA TYR C 39 -6.84 -16.57 -6.74
C TYR C 39 -6.90 -15.04 -6.78
N ILE C 40 -5.91 -14.40 -6.17
CA ILE C 40 -5.89 -12.95 -6.05
C ILE C 40 -5.60 -12.30 -7.39
N CYS C 41 -4.40 -12.56 -7.93
CA CYS C 41 -3.93 -11.90 -9.13
C CYS C 41 -4.21 -12.70 -10.41
N GLY C 42 -3.95 -14.00 -10.41
CA GLY C 42 -4.19 -14.77 -11.60
C GLY C 42 -3.17 -14.54 -12.69
N ASP C 43 -3.65 -14.17 -13.88
CA ASP C 43 -2.79 -14.11 -15.06
C ASP C 43 -2.11 -12.76 -15.26
N SER C 44 -2.55 -11.71 -14.57
CA SER C 44 -2.00 -10.37 -14.79
C SER C 44 -0.58 -10.33 -14.24
N THR C 45 0.37 -9.83 -15.04
CA THR C 45 1.77 -9.94 -14.67
C THR C 45 2.15 -9.05 -13.51
N GLU C 46 1.72 -7.78 -13.52
CA GLU C 46 2.20 -6.83 -12.53
C GLU C 46 1.76 -7.24 -11.12
N CYS C 47 0.50 -7.62 -10.94
CA CYS C 47 0.04 -8.06 -9.63
C CYS C 47 0.69 -9.37 -9.23
N SER C 48 1.00 -10.25 -10.18
CA SER C 48 1.72 -11.47 -9.85
C SER C 48 3.10 -11.15 -9.30
N ASN C 49 3.85 -10.29 -10.00
CA ASN C 49 5.15 -9.86 -9.51
C ASN C 49 5.04 -9.17 -8.16
N LEU C 50 3.93 -8.46 -7.92
CA LEU C 50 3.74 -7.80 -6.63
C LEU C 50 3.42 -8.81 -5.53
N LEU C 51 2.71 -9.89 -5.88
CA LEU C 51 2.42 -10.94 -4.91
C LEU C 51 3.69 -11.54 -4.32
N LEU C 52 4.76 -11.59 -5.12
CA LEU C 52 6.02 -12.11 -4.61
C LEU C 52 6.49 -11.29 -3.41
N GLN C 53 6.22 -9.99 -3.42
CA GLN C 53 6.55 -9.13 -2.30
C GLN C 53 5.60 -9.31 -1.11
N TYR C 54 4.47 -9.99 -1.30
CA TYR C 54 3.52 -10.21 -0.20
C TYR C 54 3.91 -11.37 0.71
N GLY C 55 5.11 -11.94 0.55
CA GLY C 55 5.56 -13.00 1.43
C GLY C 55 4.97 -14.35 1.08
N SER C 56 5.24 -15.31 1.96
CA SER C 56 4.82 -16.70 1.78
C SER C 56 3.47 -16.99 2.45
N PHE C 57 2.70 -15.94 2.75
CA PHE C 57 1.37 -16.10 3.35
C PHE C 57 0.58 -17.17 2.61
N CYS C 58 0.81 -17.28 1.31
CA CYS C 58 0.14 -18.28 0.48
C CYS C 58 0.23 -19.66 1.11
N THR C 59 1.46 -20.17 1.28
CA THR C 59 1.64 -21.44 1.96
C THR C 59 1.04 -21.39 3.36
N GLN C 60 1.26 -20.29 4.07
CA GLN C 60 0.65 -20.11 5.38
C GLN C 60 -0.85 -20.33 5.32
N LEU C 61 -1.53 -19.72 4.36
CA LEU C 61 -2.97 -19.96 4.24
C LEU C 61 -3.23 -21.42 3.89
N ASN C 62 -2.44 -21.99 3.00
CA ASN C 62 -2.50 -23.42 2.75
C ASN C 62 -2.21 -24.23 4.01
N ARG C 63 -1.39 -23.69 4.92
CA ARG C 63 -1.15 -24.34 6.20
C ARG C 63 -2.46 -24.54 6.97
N ALA C 64 -3.38 -23.59 6.86
CA ALA C 64 -4.67 -23.75 7.50
C ALA C 64 -5.48 -24.86 6.83
N LEU C 65 -5.53 -24.82 5.50
CA LEU C 65 -6.45 -25.69 4.76
C LEU C 65 -5.88 -27.09 4.56
N THR C 66 -4.55 -27.22 4.45
CA THR C 66 -3.99 -28.56 4.31
C THR C 66 -4.21 -29.39 5.56
N GLY C 67 -4.36 -28.76 6.73
CA GLY C 67 -4.82 -29.45 7.91
C GLY C 67 -6.33 -29.31 8.02
N ILE C 68 -6.81 -28.96 9.21
CA ILE C 68 -8.22 -28.66 9.46
C ILE C 68 -9.16 -29.67 8.82
N THR C 210 59.71 92.32 -47.09
CA THR C 210 58.70 91.42 -47.62
C THR C 210 59.19 89.98 -47.60
N GLN C 211 60.52 89.82 -47.70
CA GLN C 211 61.09 88.48 -47.65
C GLN C 211 61.11 87.94 -46.23
N ASN C 212 61.43 88.80 -45.25
CA ASN C 212 61.51 88.35 -43.87
C ASN C 212 60.15 87.92 -43.34
N VAL C 213 59.09 88.68 -43.64
CA VAL C 213 57.75 88.28 -43.22
C VAL C 213 57.31 86.99 -43.91
N LEU C 214 57.68 86.81 -45.18
CA LEU C 214 57.30 85.58 -45.87
C LEU C 214 58.03 84.37 -45.28
N TYR C 215 59.30 84.55 -44.91
CA TYR C 215 60.04 83.49 -44.24
C TYR C 215 59.47 83.18 -42.86
N GLU C 216 59.04 84.21 -42.14
CA GLU C 216 58.42 83.98 -40.83
C GLU C 216 57.10 83.24 -40.97
N ASN C 217 56.30 83.58 -41.98
CA ASN C 217 55.06 82.86 -42.21
C ASN C 217 55.32 81.42 -42.64
N GLN C 218 56.42 81.19 -43.38
CA GLN C 218 56.81 79.84 -43.74
C GLN C 218 57.14 79.02 -42.51
N LYS C 219 57.97 79.58 -41.62
CA LYS C 219 58.26 78.93 -40.35
C LYS C 219 56.98 78.66 -39.57
N LEU C 220 56.05 79.62 -39.60
CA LEU C 220 54.79 79.47 -38.88
C LEU C 220 54.01 78.26 -39.39
N ILE C 221 53.79 78.18 -40.70
CA ILE C 221 53.00 77.07 -41.23
C ILE C 221 53.73 75.75 -41.01
N ALA C 222 55.07 75.76 -41.09
CA ALA C 222 55.81 74.53 -40.87
C ALA C 222 55.68 74.04 -39.44
N ASN C 223 55.80 74.94 -38.47
CA ASN C 223 55.72 74.53 -37.06
C ASN C 223 54.29 74.17 -36.68
N GLN C 224 53.31 74.92 -37.17
CA GLN C 224 51.91 74.54 -36.97
C GLN C 224 51.66 73.15 -37.52
N PHE C 225 52.15 72.87 -38.72
CA PHE C 225 51.97 71.56 -39.31
C PHE C 225 52.66 70.48 -38.48
N ASN C 226 53.88 70.76 -38.02
CA ASN C 226 54.62 69.79 -37.23
C ASN C 226 53.90 69.44 -35.93
N SER C 227 53.45 70.47 -35.19
CA SER C 227 52.71 70.23 -33.96
C SER C 227 51.41 69.51 -34.24
N ALA C 228 50.76 69.83 -35.36
CA ALA C 228 49.56 69.12 -35.75
C ALA C 228 49.86 67.65 -35.95
N ILE C 229 50.96 67.35 -36.65
CA ILE C 229 51.38 65.97 -36.86
C ILE C 229 51.55 65.25 -35.54
N GLY C 230 52.19 65.91 -34.57
CA GLY C 230 52.38 65.28 -33.27
C GLY C 230 51.07 64.92 -32.59
N LYS C 231 50.12 65.87 -32.57
CA LYS C 231 48.81 65.56 -31.99
C LYS C 231 48.02 64.54 -32.80
N ILE C 232 48.22 64.48 -34.12
CA ILE C 232 47.56 63.43 -34.90
C ILE C 232 48.11 62.07 -34.51
N GLN C 233 49.44 61.98 -34.37
CA GLN C 233 50.05 60.72 -33.98
C GLN C 233 49.61 60.29 -32.59
N ASP C 234 49.45 61.24 -31.67
CA ASP C 234 48.99 60.88 -30.33
C ASP C 234 47.53 60.47 -30.34
N SER C 235 46.69 61.19 -31.09
CA SER C 235 45.29 60.79 -31.26
C SER C 235 45.20 59.38 -31.80
N LEU C 236 46.05 59.07 -32.77
CA LEU C 236 46.12 57.76 -33.40
C LEU C 236 46.50 56.68 -32.40
N SER C 237 47.57 56.89 -31.64
CA SER C 237 48.00 55.92 -30.65
C SER C 237 46.92 55.67 -29.60
N SER C 238 46.33 56.76 -29.10
CA SER C 238 45.32 56.64 -28.05
C SER C 238 44.08 55.92 -28.56
N THR C 239 43.59 56.31 -29.74
CA THR C 239 42.44 55.66 -30.33
C THR C 239 42.71 54.18 -30.60
N ALA C 240 43.92 53.87 -31.06
CA ALA C 240 44.26 52.47 -31.33
C ALA C 240 44.25 51.65 -30.04
N SER C 241 44.87 52.18 -28.98
CA SER C 241 44.87 51.46 -27.70
C SER C 241 43.46 51.25 -27.17
N ALA C 242 42.63 52.29 -27.20
CA ALA C 242 41.28 52.16 -26.67
C ALA C 242 40.45 51.20 -27.52
N LEU C 243 40.61 51.25 -28.84
CA LEU C 243 39.89 50.35 -29.73
C LEU C 243 40.31 48.89 -29.50
N GLY C 244 41.60 48.65 -29.29
CA GLY C 244 42.05 47.31 -28.94
C GLY C 244 41.53 46.82 -27.61
N LYS C 245 41.46 47.70 -26.60
CA LYS C 245 40.86 47.28 -25.34
C LYS C 245 39.39 46.94 -25.51
N LEU C 246 38.68 47.69 -26.37
CA LEU C 246 37.27 47.36 -26.60
C LEU C 246 37.13 46.03 -27.31
N GLN C 247 37.95 45.80 -28.35
CA GLN C 247 37.91 44.53 -29.07
C GLN C 247 38.28 43.38 -28.14
N ASP C 248 39.09 43.64 -27.11
CA ASP C 248 39.41 42.63 -26.12
C ASP C 248 38.21 42.31 -25.25
N VAL C 249 37.59 43.34 -24.67
CA VAL C 249 36.50 43.10 -23.72
C VAL C 249 35.30 42.48 -24.43
N VAL C 250 35.08 42.84 -25.70
CA VAL C 250 33.96 42.26 -26.43
C VAL C 250 34.19 40.77 -26.67
N ASN C 251 35.41 40.41 -27.05
CA ASN C 251 35.72 39.00 -27.29
C ASN C 251 35.69 38.23 -25.97
N GLN C 252 36.03 38.89 -24.86
CA GLN C 252 35.89 38.24 -23.55
C GLN C 252 34.44 38.02 -23.20
N ASN C 253 33.57 38.97 -23.54
CA ASN C 253 32.13 38.79 -23.35
C ASN C 253 31.62 37.62 -24.19
N ALA C 254 32.08 37.53 -25.44
CA ALA C 254 31.69 36.41 -26.31
C ALA C 254 32.18 35.08 -25.75
N GLN C 255 33.41 35.06 -25.22
CA GLN C 255 33.93 33.85 -24.60
C GLN C 255 33.11 33.44 -23.38
N ALA C 256 32.75 34.41 -22.54
CA ALA C 256 31.90 34.13 -21.40
C ALA C 256 30.54 33.61 -21.84
N LEU C 257 30.01 34.16 -22.94
CA LEU C 257 28.77 33.65 -23.51
C LEU C 257 28.89 32.19 -23.92
N ASN C 258 29.96 31.84 -24.63
CA ASN C 258 30.11 30.45 -25.07
C ASN C 258 30.28 29.50 -23.89
N THR C 259 31.06 29.91 -22.89
CA THR C 259 31.27 29.04 -21.73
C THR C 259 29.97 28.88 -20.93
N LEU C 260 29.23 29.97 -20.76
CA LEU C 260 27.94 29.89 -20.09
C LEU C 260 26.98 28.98 -20.86
N VAL C 261 26.98 29.08 -22.19
CA VAL C 261 26.14 28.22 -23.01
C VAL C 261 26.49 26.75 -22.76
N LYS C 262 27.78 26.43 -22.75
CA LYS C 262 28.18 25.04 -22.52
C LYS C 262 27.75 24.56 -21.14
N GLN C 263 28.02 25.37 -20.11
CA GLN C 263 27.70 24.97 -18.75
C GLN C 263 26.19 24.79 -18.58
N LEU C 264 25.41 25.69 -19.18
CA LEU C 264 23.95 25.59 -19.10
C LEU C 264 23.42 24.40 -19.89
N SER C 265 24.05 24.05 -21.01
CA SER C 265 23.63 22.87 -21.75
C SER C 265 23.86 21.61 -20.93
N SER C 266 25.01 21.51 -20.26
CA SER C 266 25.25 20.39 -19.36
C SER C 266 24.22 20.37 -18.23
N ASN C 267 23.94 21.55 -17.66
CA ASN C 267 22.94 21.66 -16.60
C ASN C 267 21.58 21.14 -17.06
N PHE C 268 21.14 21.59 -18.24
CA PHE C 268 19.84 21.19 -18.77
C PHE C 268 19.79 19.71 -19.10
N GLY C 269 20.87 19.14 -19.60
CA GLY C 269 20.88 17.70 -19.83
C GLY C 269 20.73 16.91 -18.55
N ALA C 270 21.50 17.29 -17.51
CA ALA C 270 21.38 16.62 -16.23
C ALA C 270 19.98 16.76 -15.66
N ILE C 271 19.41 17.97 -15.73
CA ILE C 271 18.09 18.21 -15.17
C ILE C 271 17.04 17.39 -15.90
N SER C 272 17.09 17.37 -17.24
CA SER C 272 16.16 16.57 -18.02
C SER C 272 16.24 15.11 -17.62
N SER C 273 17.47 14.57 -17.52
CA SER C 273 17.62 13.16 -17.17
C SER C 273 17.02 12.87 -15.78
N VAL C 274 17.36 13.71 -14.80
CA VAL C 274 16.93 13.45 -13.43
C VAL C 274 15.41 13.57 -13.29
N LEU C 275 14.82 14.60 -13.89
CA LEU C 275 13.38 14.79 -13.76
C LEU C 275 12.61 13.77 -14.60
N ASN C 276 13.19 13.30 -15.71
CA ASN C 276 12.57 12.20 -16.44
C ASN C 276 12.58 10.91 -15.62
N ASP C 277 13.70 10.62 -14.96
CA ASP C 277 13.73 9.48 -14.07
C ASP C 277 12.66 9.61 -13.00
N ILE C 278 12.55 10.82 -12.42
CA ILE C 278 11.55 11.07 -11.38
C ILE C 278 10.15 10.81 -11.90
N LEU C 279 9.79 11.39 -13.04
CA LEU C 279 8.44 11.24 -13.56
C LEU C 279 8.15 9.78 -13.95
N SER C 280 9.13 9.09 -14.51
CA SER C 280 8.92 7.70 -14.88
C SER C 280 8.67 6.80 -13.67
N ARG C 281 9.54 6.88 -12.66
CA ARG C 281 9.30 6.10 -11.44
C ARG C 281 8.05 6.58 -10.72
N LEU C 282 7.71 7.87 -10.87
CA LEU C 282 6.42 8.38 -10.41
C LEU C 282 5.25 7.61 -11.00
N ASP C 283 5.23 7.47 -12.32
CA ASP C 283 4.12 6.76 -12.94
C ASP C 283 4.10 5.30 -12.53
N LYS C 284 5.28 4.68 -12.45
CA LYS C 284 5.31 3.27 -12.06
C LYS C 284 4.75 3.07 -10.66
N VAL C 285 5.17 3.93 -9.71
CA VAL C 285 4.67 3.83 -8.35
C VAL C 285 3.17 4.11 -8.29
N GLU C 286 2.71 5.08 -9.08
CA GLU C 286 1.28 5.40 -9.10
C GLU C 286 0.46 4.22 -9.63
N ALA C 287 1.01 3.44 -10.55
CA ALA C 287 0.31 2.24 -11.00
C ALA C 287 0.37 1.13 -9.94
N GLU C 288 1.57 0.90 -9.39
CA GLU C 288 1.78 -0.24 -8.51
C GLU C 288 1.01 -0.09 -7.21
N VAL C 289 0.85 1.15 -6.71
CA VAL C 289 0.06 1.32 -5.49
C VAL C 289 -1.38 0.89 -5.69
N GLN C 290 -1.96 1.16 -6.86
CA GLN C 290 -3.32 0.70 -7.15
C GLN C 290 -3.39 -0.80 -7.35
N ILE C 291 -2.41 -1.37 -8.06
CA ILE C 291 -2.37 -2.81 -8.24
C ILE C 291 -2.26 -3.52 -6.89
N ASP C 292 -1.43 -2.99 -5.99
CA ASP C 292 -1.30 -3.54 -4.65
C ASP C 292 -2.56 -3.30 -3.81
N ARG C 293 -3.24 -2.19 -4.02
CA ARG C 293 -4.50 -1.94 -3.32
C ARG C 293 -5.52 -3.00 -3.69
N LEU C 294 -5.62 -3.32 -4.97
CA LEU C 294 -6.55 -4.37 -5.39
C LEU C 294 -6.10 -5.73 -4.87
N ILE C 295 -4.80 -5.99 -4.84
CA ILE C 295 -4.31 -7.24 -4.25
C ILE C 295 -4.72 -7.32 -2.79
N THR C 296 -4.56 -6.23 -2.04
CA THR C 296 -4.93 -6.21 -0.63
C THR C 296 -6.42 -6.42 -0.43
N GLY C 297 -7.24 -5.82 -1.30
CA GLY C 297 -8.67 -6.05 -1.20
C GLY C 297 -9.09 -7.46 -1.55
N ARG C 298 -8.34 -8.13 -2.43
CA ARG C 298 -8.61 -9.53 -2.74
C ARG C 298 -8.07 -10.47 -1.67
N LEU C 299 -7.06 -10.00 -0.92
CA LEU C 299 -6.59 -10.76 0.24
C LEU C 299 -7.70 -10.98 1.24
N GLN C 300 -8.60 -10.00 1.39
CA GLN C 300 -9.74 -10.17 2.28
C GLN C 300 -10.68 -11.26 1.79
N SER C 301 -10.91 -11.34 0.48
CA SER C 301 -11.72 -12.42 -0.07
C SER C 301 -11.06 -13.76 0.14
N LEU C 302 -9.74 -13.85 -0.10
CA LEU C 302 -9.05 -15.11 0.10
C LEU C 302 -9.06 -15.53 1.57
N GLN C 303 -8.97 -14.57 2.49
CA GLN C 303 -9.01 -14.90 3.90
C GLN C 303 -10.42 -15.29 4.36
N THR C 304 -11.45 -14.68 3.76
CA THR C 304 -12.82 -15.12 4.03
C THR C 304 -13.03 -16.55 3.54
N TYR C 305 -12.48 -16.86 2.37
CA TYR C 305 -12.50 -18.23 1.87
C TYR C 305 -11.83 -19.18 2.85
N VAL C 306 -10.64 -18.80 3.33
CA VAL C 306 -9.91 -19.64 4.28
C VAL C 306 -10.73 -19.84 5.55
N THR C 307 -11.32 -18.76 6.06
CA THR C 307 -12.12 -18.86 7.28
C THR C 307 -13.32 -19.79 7.11
N GLN C 308 -14.04 -19.63 6.00
CA GLN C 308 -15.20 -20.49 5.76
C GLN C 308 -14.78 -21.94 5.56
N GLN C 309 -13.61 -22.17 4.96
CA GLN C 309 -13.13 -23.54 4.81
C GLN C 309 -12.74 -24.16 6.14
N LEU C 310 -12.14 -23.38 7.04
CA LEU C 310 -11.82 -23.87 8.37
C LEU C 310 -13.10 -24.15 9.17
N ILE C 311 -14.11 -23.28 9.00
CA ILE C 311 -15.43 -23.53 9.58
C ILE C 311 -15.98 -24.86 9.11
N ARG C 312 -15.92 -25.09 7.79
CA ARG C 312 -16.47 -26.31 7.22
C ARG C 312 -15.73 -27.54 7.75
N ALA C 313 -14.40 -27.46 7.88
CA ALA C 313 -13.65 -28.60 8.39
C ALA C 313 -13.93 -28.85 9.86
N ALA C 314 -14.12 -27.79 10.64
CA ALA C 314 -14.52 -27.95 12.04
C ALA C 314 -15.92 -28.55 12.16
N GLU C 315 -16.78 -28.34 11.17
CA GLU C 315 -18.06 -29.05 11.15
C GLU C 315 -17.87 -30.49 10.70
N ILE C 316 -16.90 -30.73 9.81
CA ILE C 316 -16.64 -32.08 9.30
C ILE C 316 -16.17 -33.00 10.43
N ARG C 317 -15.24 -32.52 11.26
CA ARG C 317 -14.75 -33.37 12.34
C ARG C 317 -15.84 -33.66 13.37
N ALA C 318 -16.75 -32.72 13.61
CA ALA C 318 -17.88 -32.98 14.48
C ALA C 318 -18.86 -33.98 13.87
N SER C 319 -19.10 -33.89 12.56
CA SER C 319 -19.94 -34.90 11.90
C SER C 319 -19.28 -36.27 11.94
N ALA C 320 -17.94 -36.32 11.89
CA ALA C 320 -17.25 -37.58 12.05
C ALA C 320 -17.40 -38.16 13.45
N ASN C 321 -17.36 -37.30 14.47
CA ASN C 321 -17.60 -37.79 15.83
C ASN C 321 -19.03 -38.29 16.00
N LEU C 322 -19.99 -37.58 15.40
CA LEU C 322 -21.38 -38.04 15.40
C LEU C 322 -21.50 -39.38 14.69
N ALA C 323 -20.77 -39.55 13.58
CA ALA C 323 -20.71 -40.84 12.91
C ALA C 323 -20.16 -41.93 13.82
N ALA C 324 -19.13 -41.60 14.59
CA ALA C 324 -18.54 -42.57 15.52
C ALA C 324 -19.57 -43.03 16.54
N THR C 325 -20.26 -42.09 17.19
CA THR C 325 -21.21 -42.49 18.23
C THR C 325 -22.43 -43.17 17.63
N LYS C 326 -22.84 -42.78 16.42
CA LYS C 326 -23.96 -43.45 15.76
C LYS C 326 -23.60 -44.88 15.37
N MET C 327 -22.34 -45.12 15.01
CA MET C 327 -21.87 -46.49 14.83
C MET C 327 -21.90 -47.26 16.15
N SER C 328 -21.38 -46.64 17.21
CA SER C 328 -21.26 -47.31 18.50
C SER C 328 -22.62 -47.73 19.05
N GLU C 329 -23.52 -46.76 19.25
CA GLU C 329 -24.77 -47.01 19.95
C GLU C 329 -25.77 -47.83 19.14
N CYS C 330 -25.50 -48.06 17.85
CA CYS C 330 -26.54 -48.63 16.97
C CYS C 330 -26.08 -49.80 16.12
N VAL C 331 -24.81 -49.89 15.72
CA VAL C 331 -24.35 -51.09 15.04
C VAL C 331 -23.85 -52.12 16.03
N LEU C 332 -23.10 -51.65 17.03
CA LEU C 332 -22.68 -52.50 18.13
C LEU C 332 -23.80 -52.72 19.14
N GLY C 333 -24.82 -51.87 19.10
CA GLY C 333 -25.94 -51.99 20.01
C GLY C 333 -27.27 -51.61 19.39
N GLN C 334 -28.15 -51.04 20.22
CA GLN C 334 -29.48 -50.68 19.76
C GLN C 334 -29.93 -49.42 20.48
N SER C 335 -30.19 -48.36 19.72
CA SER C 335 -30.53 -47.05 20.27
C SER C 335 -31.94 -47.06 20.85
N LYS C 336 -32.06 -46.49 22.05
CA LYS C 336 -33.35 -46.38 22.71
C LYS C 336 -34.02 -45.03 22.47
N ARG C 337 -33.33 -44.10 21.82
CA ARG C 337 -33.83 -42.75 21.65
C ARG C 337 -34.69 -42.63 20.40
N VAL C 338 -35.61 -41.68 20.42
CA VAL C 338 -36.64 -41.52 19.40
C VAL C 338 -36.00 -40.89 18.16
N ASP C 339 -36.14 -41.57 17.03
CA ASP C 339 -35.66 -41.20 15.70
C ASP C 339 -34.14 -41.27 15.60
N PHE C 340 -33.42 -41.46 16.71
CA PHE C 340 -31.98 -41.66 16.65
C PHE C 340 -31.66 -43.00 16.05
N CYS C 341 -30.76 -43.00 15.06
CA CYS C 341 -30.42 -44.20 14.29
C CYS C 341 -31.67 -44.79 13.63
N GLY C 342 -32.20 -44.04 12.69
CA GLY C 342 -33.35 -44.50 11.94
C GLY C 342 -34.65 -43.95 12.46
N LYS C 343 -35.53 -43.56 11.54
CA LYS C 343 -36.82 -43.03 11.91
C LYS C 343 -37.63 -44.08 12.66
N GLY C 344 -38.38 -43.63 13.66
CA GLY C 344 -39.08 -44.54 14.53
C GLY C 344 -38.20 -44.97 15.69
N TYR C 345 -38.19 -46.25 15.99
CA TYR C 345 -37.40 -46.78 17.11
C TYR C 345 -36.43 -47.82 16.58
N HIS C 346 -35.17 -47.68 16.96
CA HIS C 346 -34.09 -48.45 16.37
C HIS C 346 -34.15 -49.91 16.78
N LEU C 347 -34.08 -50.81 15.78
CA LEU C 347 -34.00 -52.24 15.99
C LEU C 347 -32.59 -52.77 15.74
N MET C 348 -31.94 -52.29 14.68
CA MET C 348 -30.61 -52.74 14.31
C MET C 348 -30.01 -51.72 13.36
N SER C 349 -28.68 -51.73 13.25
CA SER C 349 -28.02 -50.84 12.31
C SER C 349 -26.91 -51.59 11.60
N PHE C 350 -26.61 -51.13 10.40
CA PHE C 350 -25.58 -51.73 9.57
C PHE C 350 -24.75 -50.61 8.93
N PRO C 351 -23.46 -50.57 9.22
CA PRO C 351 -22.64 -49.46 8.75
C PRO C 351 -22.00 -49.76 7.40
N GLN C 352 -21.79 -48.70 6.62
CA GLN C 352 -21.12 -48.80 5.34
C GLN C 352 -20.35 -47.51 5.10
N SER C 353 -19.22 -47.61 4.38
CA SER C 353 -18.38 -46.44 4.18
C SER C 353 -18.84 -45.65 2.95
N ALA C 354 -18.27 -44.46 2.82
CA ALA C 354 -18.52 -43.53 1.72
C ALA C 354 -17.27 -42.68 1.54
N PRO C 355 -17.03 -42.14 0.33
CA PRO C 355 -15.72 -41.50 0.05
C PRO C 355 -15.25 -40.53 1.13
N HIS C 356 -16.18 -39.84 1.78
CA HIS C 356 -15.85 -38.98 2.92
C HIS C 356 -16.91 -39.08 4.00
N GLY C 357 -17.60 -40.23 4.09
CA GLY C 357 -18.69 -40.35 5.03
C GLY C 357 -18.95 -41.78 5.44
N VAL C 358 -20.00 -41.93 6.25
CA VAL C 358 -20.53 -43.23 6.64
C VAL C 358 -22.04 -43.20 6.47
N VAL C 359 -22.60 -44.33 6.04
CA VAL C 359 -24.05 -44.48 5.91
C VAL C 359 -24.48 -45.64 6.79
N PHE C 360 -25.52 -45.43 7.58
CA PHE C 360 -26.09 -46.48 8.39
C PHE C 360 -27.46 -46.88 7.85
N LEU C 361 -27.63 -48.17 7.61
CA LEU C 361 -28.94 -48.75 7.35
C LEU C 361 -29.50 -49.20 8.69
N HIS C 362 -30.39 -48.40 9.26
CA HIS C 362 -31.07 -48.74 10.50
C HIS C 362 -32.38 -49.40 10.18
N VAL C 363 -32.52 -50.67 10.55
CA VAL C 363 -33.83 -51.30 10.59
C VAL C 363 -34.47 -50.82 11.88
N THR C 364 -35.61 -50.17 11.75
CA THR C 364 -36.32 -49.54 12.86
C THR C 364 -37.79 -49.86 12.69
N TYR C 365 -38.61 -49.30 13.55
CA TYR C 365 -40.05 -49.34 13.35
C TYR C 365 -40.66 -47.97 13.59
N VAL C 366 -41.44 -47.52 12.62
CA VAL C 366 -42.17 -46.25 12.73
C VAL C 366 -43.57 -46.61 13.22
N PRO C 367 -44.27 -45.71 13.89
CA PRO C 367 -45.64 -46.04 14.34
C PRO C 367 -46.64 -46.05 13.20
N ALA C 368 -47.12 -47.23 12.82
CA ALA C 368 -48.13 -47.33 11.77
C ALA C 368 -49.39 -46.58 12.13
N GLN C 369 -49.89 -46.81 13.35
CA GLN C 369 -51.06 -46.13 13.85
C GLN C 369 -50.78 -45.64 15.26
N GLU C 370 -51.35 -44.49 15.61
CA GLU C 370 -51.25 -43.96 16.96
C GLU C 370 -52.52 -43.20 17.27
N LYS C 371 -52.88 -43.17 18.54
CA LYS C 371 -54.12 -42.54 18.98
C LYS C 371 -53.79 -41.45 19.99
N ASN C 372 -54.48 -40.31 19.88
CA ASN C 372 -54.23 -39.19 20.77
C ASN C 372 -54.98 -39.40 22.08
N PHE C 373 -54.23 -39.75 23.13
CA PHE C 373 -54.81 -39.90 24.46
C PHE C 373 -54.46 -38.69 25.30
N THR C 374 -55.42 -38.22 26.07
CA THR C 374 -55.12 -37.21 27.07
C THR C 374 -54.18 -37.81 28.11
N THR C 375 -53.10 -37.09 28.38
CA THR C 375 -52.01 -37.59 29.20
C THR C 375 -51.53 -36.47 30.10
N ALA C 376 -51.20 -36.85 31.33
CA ALA C 376 -50.62 -35.94 32.31
C ALA C 376 -49.32 -36.56 32.82
N PRO C 377 -48.21 -35.86 32.68
CA PRO C 377 -46.93 -36.43 33.13
C PRO C 377 -46.91 -36.73 34.62
N ALA C 378 -47.83 -36.16 35.38
CA ALA C 378 -48.05 -36.47 36.78
C ALA C 378 -49.46 -36.06 37.13
N ILE C 379 -50.02 -36.74 38.13
CA ILE C 379 -51.30 -36.37 38.70
C ILE C 379 -51.13 -36.26 40.21
N CYS C 380 -51.68 -35.21 40.79
CA CYS C 380 -51.44 -34.89 42.20
C CYS C 380 -52.66 -35.33 43.00
N HIS C 381 -52.55 -36.49 43.64
CA HIS C 381 -53.60 -36.99 44.53
C HIS C 381 -53.36 -36.45 45.94
N ASP C 382 -54.31 -35.67 46.44
CA ASP C 382 -54.30 -35.07 47.77
C ASP C 382 -52.92 -34.54 48.19
N GLY C 383 -52.31 -33.75 47.32
CA GLY C 383 -51.05 -33.11 47.64
C GLY C 383 -49.82 -33.95 47.41
N LYS C 384 -49.97 -35.18 46.94
CA LYS C 384 -48.87 -36.07 46.65
C LYS C 384 -48.84 -36.34 45.15
N ALA C 385 -47.74 -35.97 44.51
CA ALA C 385 -47.63 -36.12 43.08
C ALA C 385 -47.25 -37.55 42.72
N HIS C 386 -48.18 -38.28 42.13
CA HIS C 386 -47.89 -39.59 41.56
C HIS C 386 -47.67 -39.39 40.09
N PHE C 387 -46.47 -39.71 39.63
CA PHE C 387 -46.07 -39.54 38.24
C PHE C 387 -45.59 -40.89 37.74
N PRO C 388 -45.97 -41.28 36.54
CA PRO C 388 -45.68 -42.64 36.07
C PRO C 388 -44.18 -42.94 36.08
N ARG C 389 -43.87 -44.22 36.30
CA ARG C 389 -42.51 -44.73 36.33
C ARG C 389 -42.23 -45.30 34.95
N GLU C 390 -41.50 -44.55 34.13
CA GLU C 390 -41.14 -44.99 32.78
C GLU C 390 -42.39 -45.21 31.93
N GLY C 391 -43.31 -44.28 32.03
CA GLY C 391 -44.55 -44.35 31.26
C GLY C 391 -45.28 -43.03 31.37
N VAL C 392 -46.47 -43.00 30.78
CA VAL C 392 -47.28 -41.78 30.80
C VAL C 392 -48.68 -42.11 31.27
N PHE C 393 -49.29 -41.16 31.96
CA PHE C 393 -50.66 -41.29 32.42
C PHE C 393 -51.65 -41.12 31.28
N VAL C 394 -51.85 -42.16 30.48
CA VAL C 394 -52.96 -42.16 29.55
C VAL C 394 -54.25 -42.05 30.37
N SER C 395 -55.03 -41.02 30.09
CA SER C 395 -56.26 -40.79 30.85
C SER C 395 -57.37 -41.57 30.15
N ASN C 396 -57.73 -42.71 30.70
CA ASN C 396 -58.91 -43.44 30.30
C ASN C 396 -60.15 -42.61 30.61
N GLY C 397 -61.31 -43.16 30.24
CA GLY C 397 -62.56 -42.48 30.54
C GLY C 397 -62.73 -42.09 31.98
N THR C 398 -62.14 -42.85 32.91
CA THR C 398 -62.22 -42.54 34.33
C THR C 398 -60.88 -42.69 35.06
N HIS C 399 -59.93 -43.43 34.52
CA HIS C 399 -58.73 -43.79 35.26
C HIS C 399 -57.50 -43.32 34.52
N TRP C 400 -56.41 -43.22 35.26
CA TRP C 400 -55.10 -42.98 34.69
C TRP C 400 -54.35 -44.30 34.61
N PHE C 401 -53.79 -44.60 33.45
CA PHE C 401 -52.96 -45.77 33.29
C PHE C 401 -51.55 -45.33 32.99
N VAL C 402 -50.57 -46.08 33.49
CA VAL C 402 -49.18 -45.85 33.13
C VAL C 402 -48.91 -46.65 31.87
N THR C 403 -49.24 -46.08 30.72
CA THR C 403 -48.99 -46.75 29.46
C THR C 403 -47.58 -46.50 28.99
N GLN C 404 -47.12 -47.39 28.11
CA GLN C 404 -45.84 -47.22 27.44
C GLN C 404 -45.89 -45.96 26.57
N ARG C 405 -44.87 -45.11 26.69
CA ARG C 405 -44.84 -43.89 25.89
C ARG C 405 -44.88 -44.19 24.40
N ASN C 406 -44.13 -45.19 23.97
CA ASN C 406 -43.99 -45.49 22.54
C ASN C 406 -44.98 -46.54 22.05
N PHE C 407 -45.94 -46.94 22.87
CA PHE C 407 -46.96 -47.87 22.41
C PHE C 407 -48.18 -47.78 23.32
N TYR C 408 -49.37 -47.79 22.71
CA TYR C 408 -50.60 -47.73 23.49
C TYR C 408 -50.76 -49.05 24.23
N GLU C 409 -50.35 -49.05 25.50
CA GLU C 409 -50.46 -50.25 26.33
C GLU C 409 -50.79 -49.78 27.74
N PRO C 410 -52.05 -49.44 27.99
CA PRO C 410 -52.40 -48.82 29.27
C PRO C 410 -52.23 -49.78 30.44
N GLN C 411 -51.63 -49.26 31.50
CA GLN C 411 -51.35 -50.05 32.70
C GLN C 411 -51.62 -49.18 33.94
N ILE C 412 -52.42 -49.73 34.85
CA ILE C 412 -53.01 -48.97 35.95
C ILE C 412 -51.93 -48.29 36.79
N ILE C 413 -52.29 -47.15 37.39
CA ILE C 413 -51.42 -46.47 38.35
C ILE C 413 -51.02 -47.45 39.44
N THR C 414 -49.72 -47.61 39.64
CA THR C 414 -49.22 -48.28 40.83
C THR C 414 -48.03 -47.48 41.35
N THR C 415 -47.71 -47.66 42.63
CA THR C 415 -46.50 -47.07 43.15
C THR C 415 -45.25 -47.71 42.55
N ASP C 416 -45.39 -48.87 41.93
CA ASP C 416 -44.38 -49.41 41.04
C ASP C 416 -44.51 -48.89 39.62
N ASN C 417 -45.71 -48.45 39.23
CA ASN C 417 -45.91 -47.75 37.96
C ASN C 417 -45.74 -46.24 38.11
N THR C 418 -45.83 -45.71 39.32
CA THR C 418 -45.68 -44.28 39.56
C THR C 418 -44.81 -44.05 40.78
N PHE C 419 -43.87 -43.13 40.65
CA PHE C 419 -43.21 -42.60 41.82
C PHE C 419 -44.15 -41.61 42.49
N VAL C 420 -43.97 -41.47 43.80
CA VAL C 420 -44.81 -40.63 44.62
C VAL C 420 -43.97 -39.49 45.15
N SER C 421 -44.57 -38.31 45.22
CA SER C 421 -43.88 -37.11 45.66
C SER C 421 -44.56 -36.58 46.91
N GLY C 422 -44.12 -35.41 47.35
CA GLY C 422 -44.70 -34.78 48.53
C GLY C 422 -44.89 -33.30 48.31
N ASN C 423 -45.92 -32.74 48.93
CA ASN C 423 -46.29 -31.33 48.94
C ASN C 423 -46.89 -30.88 47.61
N CYS C 424 -46.99 -31.76 46.61
CA CYS C 424 -47.55 -31.43 45.31
C CYS C 424 -46.79 -30.30 44.62
N ASP C 425 -45.51 -30.16 44.95
CA ASP C 425 -44.69 -29.03 44.49
C ASP C 425 -43.94 -29.41 43.21
N VAL C 426 -44.04 -28.54 42.21
CA VAL C 426 -43.37 -28.72 40.93
C VAL C 426 -42.16 -27.79 40.88
N VAL C 427 -40.97 -28.37 40.69
CA VAL C 427 -39.77 -27.56 40.57
C VAL C 427 -39.67 -27.00 39.16
N ILE C 428 -39.54 -25.68 39.04
CA ILE C 428 -39.52 -25.02 37.75
C ILE C 428 -38.07 -24.71 37.40
N GLY C 429 -37.62 -25.24 36.27
CA GLY C 429 -36.26 -25.03 35.80
C GLY C 429 -36.23 -24.14 34.58
N ILE C 430 -35.17 -23.33 34.48
CA ILE C 430 -34.93 -22.47 33.33
C ILE C 430 -33.53 -22.76 32.79
N VAL C 431 -33.46 -23.01 31.49
CA VAL C 431 -32.20 -23.32 30.81
C VAL C 431 -32.14 -22.51 29.52
N ASN C 432 -31.02 -21.84 29.29
CA ASN C 432 -30.78 -21.11 28.05
C ASN C 432 -29.38 -21.49 27.58
N ASN C 433 -29.31 -22.30 26.52
CA ASN C 433 -28.03 -22.70 25.94
C ASN C 433 -27.54 -21.56 25.06
N THR C 434 -27.01 -20.52 25.73
CA THR C 434 -26.53 -19.34 25.04
C THR C 434 -25.24 -19.67 24.29
N VAL C 435 -25.34 -19.85 22.98
CA VAL C 435 -24.14 -20.04 22.16
C VAL C 435 -23.25 -18.81 22.28
N TYR C 436 -21.94 -19.02 22.21
CA TYR C 436 -20.99 -17.95 22.51
C TYR C 436 -21.09 -16.83 21.49
N ASP C 437 -21.27 -15.61 21.99
CA ASP C 437 -21.26 -14.43 21.13
C ASP C 437 -19.88 -13.78 21.20
N PRO C 438 -19.11 -13.81 20.13
CA PRO C 438 -17.70 -13.39 20.22
C PRO C 438 -17.56 -11.88 20.33
N LEU C 439 -16.44 -11.46 20.90
CA LEU C 439 -16.10 -10.05 21.02
C LEU C 439 -15.69 -9.50 19.67
N GLN C 440 -16.62 -8.86 18.96
CA GLN C 440 -16.34 -8.40 17.62
C GLN C 440 -15.45 -7.16 17.64
N PRO C 441 -14.51 -7.06 16.71
CA PRO C 441 -13.49 -5.99 16.70
C PRO C 441 -14.01 -4.63 16.24
N GLU C 442 -14.59 -3.90 17.18
CA GLU C 442 -15.08 -2.55 16.89
C GLU C 442 -13.94 -1.57 16.72
N LEU C 443 -14.05 -0.71 15.71
CA LEU C 443 -13.03 0.27 15.38
C LEU C 443 -13.56 1.69 15.56
N ASP C 444 -12.62 2.62 15.72
CA ASP C 444 -12.94 4.03 15.64
C ASP C 444 -13.33 4.40 14.21
N SER C 445 -13.82 5.63 14.04
CA SER C 445 -14.00 6.15 12.70
C SER C 445 -12.64 6.42 12.06
N PHE C 446 -12.62 6.44 10.73
CA PHE C 446 -11.36 6.48 10.01
C PHE C 446 -10.58 7.76 10.30
N LYS C 447 -11.27 8.86 10.58
CA LYS C 447 -10.58 10.13 10.78
C LYS C 447 -9.74 10.10 12.05
N GLU C 448 -10.26 9.51 13.12
CA GLU C 448 -9.52 9.47 14.38
C GLU C 448 -8.31 8.55 14.30
N GLU C 449 -8.49 7.36 13.73
CA GLU C 449 -7.37 6.45 13.56
C GLU C 449 -6.39 6.92 12.49
N LEU C 450 -6.82 7.82 11.61
CA LEU C 450 -5.96 8.36 10.56
C LEU C 450 -5.11 9.50 11.11
N ASP C 451 -5.76 10.60 11.51
CA ASP C 451 -5.05 11.75 12.05
C ASP C 451 -4.22 11.39 13.28
N LYS C 452 -4.45 10.21 13.86
CA LYS C 452 -3.58 9.72 14.92
C LYS C 452 -2.13 9.63 14.45
N TYR C 453 -1.92 9.24 13.19
CA TYR C 453 -0.58 9.08 12.64
C TYR C 453 -0.43 9.79 11.31
N PHE C 454 -1.55 10.03 10.62
CA PHE C 454 -1.50 10.66 9.31
C PHE C 454 -0.98 12.10 9.42
N LYS C 455 0.08 12.38 8.66
CA LYS C 455 0.62 13.73 8.56
C LYS C 455 0.29 14.26 7.18
N ASN C 456 -0.32 15.44 7.14
CA ASN C 456 -0.87 15.95 5.89
C ASN C 456 0.12 16.88 5.20
N HIS C 457 1.35 16.40 5.06
CA HIS C 457 2.44 17.19 4.53
C HIS C 457 2.21 17.52 3.07
N THR C 458 2.25 18.81 2.74
CA THR C 458 2.11 19.28 1.36
C THR C 458 3.35 20.08 0.99
N SER C 459 4.06 19.62 -0.03
CA SER C 459 5.28 20.30 -0.46
C SER C 459 4.92 21.57 -1.22
N PRO C 460 5.75 22.60 -1.13
CA PRO C 460 5.35 23.90 -1.65
C PRO C 460 5.57 24.02 -3.16
N ASP C 461 4.87 25.00 -3.73
CA ASP C 461 5.09 25.43 -5.10
C ASP C 461 6.51 25.94 -5.28
N VAL C 462 7.18 25.45 -6.31
CA VAL C 462 8.54 25.91 -6.60
C VAL C 462 8.47 27.32 -7.16
N ASP C 463 9.33 28.18 -6.66
CA ASP C 463 9.58 29.49 -7.26
C ASP C 463 11.08 29.65 -7.42
N LEU C 464 11.50 30.04 -8.63
CA LEU C 464 12.90 30.14 -8.97
C LEU C 464 13.11 31.45 -9.72
N GLY C 465 14.38 31.88 -9.77
CA GLY C 465 14.73 33.20 -10.26
C GLY C 465 14.19 33.58 -11.63
N ASP C 466 13.66 34.81 -11.72
CA ASP C 466 13.03 35.33 -12.93
C ASP C 466 14.05 36.18 -13.69
N ILE C 467 14.82 35.54 -14.57
CA ILE C 467 15.82 36.22 -15.36
C ILE C 467 15.24 37.21 -16.35
N SER C 468 13.92 37.29 -16.45
CA SER C 468 13.28 38.24 -17.36
C SER C 468 13.51 39.70 -16.95
N GLY C 469 13.98 39.96 -15.74
CA GLY C 469 14.16 41.30 -15.25
C GLY C 469 15.56 41.86 -15.37
N ILE C 470 16.37 41.33 -16.29
CA ILE C 470 17.77 41.69 -16.38
C ILE C 470 18.02 42.70 -17.49
N ASN C 471 17.02 43.47 -17.85
CA ASN C 471 17.35 44.58 -18.75
C ASN C 471 17.81 45.76 -17.86
N GLN C 478 25.52 57.19 -34.18
CA GLN C 478 25.83 57.04 -35.59
C GLN C 478 26.09 58.40 -36.22
N LYS C 479 25.50 59.43 -35.63
CA LYS C 479 25.73 60.81 -36.06
C LYS C 479 27.23 61.11 -36.12
N GLU C 480 27.98 60.63 -35.12
CA GLU C 480 29.40 60.91 -35.06
C GLU C 480 30.15 60.22 -36.20
N ILE C 481 29.81 58.96 -36.47
CA ILE C 481 30.41 58.27 -37.62
C ILE C 481 30.13 59.05 -38.90
N ASP C 482 28.94 59.64 -38.99
CA ASP C 482 28.61 60.49 -40.14
C ASP C 482 29.54 61.70 -40.22
N ARG C 483 29.73 62.39 -39.09
CA ARG C 483 30.64 63.53 -39.07
C ARG C 483 32.05 63.11 -39.48
N LEU C 484 32.48 61.94 -39.00
CA LEU C 484 33.78 61.40 -39.33
C LEU C 484 33.92 61.18 -40.84
N ASN C 485 32.92 60.55 -41.44
CA ASN C 485 32.96 60.30 -42.89
C ASN C 485 32.90 61.61 -43.67
N GLU C 486 32.10 62.56 -43.17
CA GLU C 486 32.00 63.88 -43.80
C GLU C 486 33.34 64.59 -43.83
N VAL C 487 34.03 64.64 -42.69
CA VAL C 487 35.34 65.28 -42.68
C VAL C 487 36.38 64.44 -43.41
N ALA C 488 36.19 63.12 -43.49
CA ALA C 488 37.06 62.29 -44.32
C ALA C 488 37.01 62.74 -45.77
N LYS C 489 35.81 62.91 -46.31
CA LYS C 489 35.65 63.33 -47.70
C LYS C 489 36.06 64.79 -47.90
N ASN C 490 35.87 65.63 -46.88
CA ASN C 490 36.33 67.01 -47.02
C ASN C 490 37.85 67.07 -47.01
N LEU C 491 38.48 66.26 -46.17
CA LEU C 491 39.93 66.21 -46.15
C LEU C 491 40.45 65.65 -47.47
N ASN C 492 39.75 64.66 -48.03
CA ASN C 492 39.98 64.27 -49.42
C ASN C 492 39.89 65.50 -50.33
N GLU C 493 38.92 66.38 -50.05
CA GLU C 493 38.76 67.60 -50.83
C GLU C 493 39.85 68.62 -50.49
N SER C 494 40.18 68.78 -49.21
CA SER C 494 41.18 69.75 -48.77
C SER C 494 42.57 69.13 -48.67
N LEU C 495 42.85 68.13 -49.49
CA LEU C 495 44.15 67.47 -49.52
C LEU C 495 45.26 68.44 -49.87
N TRP C 510 61.13 91.79 -62.79
CA TRP C 510 60.69 93.15 -63.05
C TRP C 510 61.75 94.22 -62.75
N PRO C 511 62.41 94.15 -61.58
CA PRO C 511 63.48 95.13 -61.31
C PRO C 511 64.62 95.02 -62.31
N TRP C 512 65.05 93.80 -62.61
CA TRP C 512 66.16 93.60 -63.53
C TRP C 512 65.89 94.22 -64.89
N TYR C 513 64.67 94.04 -65.41
CA TYR C 513 64.36 94.55 -66.74
C TYR C 513 64.40 96.08 -66.77
N ILE C 514 63.77 96.72 -65.79
CA ILE C 514 63.75 98.19 -65.75
C ILE C 514 65.16 98.74 -65.57
N TRP C 515 65.94 98.10 -64.69
CA TRP C 515 67.30 98.58 -64.48
C TRP C 515 68.15 98.41 -65.72
N LEU C 516 67.95 97.30 -66.45
CA LEU C 516 68.65 97.10 -67.71
C LEU C 516 68.28 98.16 -68.73
N GLY C 517 67.00 98.51 -68.79
CA GLY C 517 66.58 99.59 -69.67
C GLY C 517 67.23 100.91 -69.30
N PHE C 518 67.34 101.19 -68.00
CA PHE C 518 68.00 102.41 -67.55
C PHE C 518 69.48 102.40 -67.95
N ILE C 519 70.15 101.27 -67.76
CA ILE C 519 71.56 101.15 -68.14
C ILE C 519 71.72 101.36 -69.64
N ALA C 520 70.80 100.80 -70.43
CA ALA C 520 70.85 100.98 -71.88
C ALA C 520 70.67 102.44 -72.26
N GLY C 521 69.73 103.12 -71.61
CA GLY C 521 69.58 104.55 -71.84
C GLY C 521 70.82 105.34 -71.47
N LEU C 522 71.48 104.95 -70.38
CA LEU C 522 72.73 105.60 -69.99
C LEU C 522 73.80 105.43 -71.05
N ILE C 523 73.98 104.20 -71.53
CA ILE C 523 74.95 103.94 -72.59
C ILE C 523 74.58 104.73 -73.85
N ALA C 524 73.29 104.80 -74.15
CA ALA C 524 72.83 105.57 -75.31
C ALA C 524 73.22 107.03 -75.17
N ILE C 525 73.02 107.60 -73.98
CA ILE C 525 73.41 108.98 -73.71
C ILE C 525 74.91 109.14 -73.89
N VAL C 526 75.70 108.21 -73.35
CA VAL C 526 77.15 108.30 -73.49
C VAL C 526 77.52 108.31 -74.96
N MET C 527 76.88 107.46 -75.76
CA MET C 527 77.14 107.41 -77.18
C MET C 527 76.84 108.75 -77.84
N VAL C 528 75.69 109.33 -77.52
CA VAL C 528 75.34 110.64 -78.09
C VAL C 528 76.37 111.69 -77.71
N THR C 529 76.78 111.69 -76.44
CA THR C 529 77.77 112.66 -75.97
C THR C 529 79.10 112.51 -76.72
N ILE C 530 79.53 111.26 -76.95
CA ILE C 530 80.73 111.01 -77.73
C ILE C 530 80.57 111.51 -79.16
N MET C 531 79.40 111.28 -79.76
CA MET C 531 79.17 111.74 -81.12
C MET C 531 79.25 113.26 -81.21
N LEU C 532 78.74 113.98 -80.20
CA LEU C 532 78.95 115.42 -80.17
C LEU C 532 80.39 115.72 -79.77
#